data_5CUV
#
_entry.id   5CUV
#
_cell.length_a   100.518
_cell.length_b   103.017
_cell.length_c   157.398
_cell.angle_alpha   90.00
_cell.angle_beta   90.00
_cell.angle_gamma   90.00
#
_symmetry.space_group_name_H-M   'C 2 2 21'
#
loop_
_entity.id
_entity.type
_entity.pdbx_description
1 polymer 'Acidocalcisomal pyrophosphatase'
2 non-polymer D-MALATE
3 non-polymer 'MAGNESIUM ION'
4 water water
#
_entity_poly.entity_id   1
_entity_poly.type   'polypeptide(L)'
_entity_poly.pdbx_seq_one_letter_code
;(MSE)SENKATL(MSE)EG(MSE)TEKTLHSPNT(MSE)AEVASLHVANSYIGTGLDTSLENVKPLPEACKRNVTEFDLV
AYGKDEFTLS(MSE)EKRV(MSE)AR(MSE)FSAFDVTQLGYLEERKIEH(MSE)CKYLGRV(MSE)NEDDVKQ(MSE)K
SEINAIDGHITFEKFWAWWCSHPEVPAKKDFFS(MSE)VSVDFAVPYHQQQLLTRETGELYTPSYRVLYYFRD(MSE)ET
GKELQVSPWHDIPLYVRDLVRTKPASLP(MSE)NRYNFICEIPKWTRAKFEIATGEPFNPIKQDIKNGVPRFYKHGD
(MSE)(MSE)WNYGALPQTWESTDVVFEGGYVGDNDPIDAIEIG(MSE)TQFKVGQVGAVKVLGILG(MSE)IDDGQ
(MSE)DWKVICISHNDPICRFLKDIHDVPKFLPGCLDAIHEWFRVYKICQGGVENKFVFNGEFKDKSFA(MSE)KVIDES
HY(MSE)WGNLRKINKKEEV
;
_entity_poly.pdbx_strand_id   A,B
#
# COMPACT_ATOMS: atom_id res chain seq x y z
N ASN A 33 21.83 -30.48 9.97
CA ASN A 33 21.37 -31.81 10.47
C ASN A 33 22.46 -32.79 10.86
N SER A 34 22.36 -33.25 12.10
CA SER A 34 23.20 -34.27 12.69
C SER A 34 22.67 -34.54 14.08
N TYR A 35 23.19 -33.84 15.07
CA TYR A 35 22.73 -34.05 16.41
C TYR A 35 22.31 -32.78 17.09
N ILE A 36 21.47 -32.91 18.10
CA ILE A 36 20.96 -31.78 18.85
C ILE A 36 22.12 -30.95 19.39
N GLY A 37 22.17 -29.68 19.04
CA GLY A 37 23.25 -28.86 19.53
C GLY A 37 22.79 -28.07 20.72
N THR A 38 23.75 -27.46 21.42
CA THR A 38 23.53 -26.64 22.59
C THR A 38 23.37 -25.18 22.18
N GLY A 39 23.92 -24.81 21.05
CA GLY A 39 23.82 -23.41 20.64
C GLY A 39 24.98 -22.52 21.10
N LEU A 40 26.06 -23.12 21.59
CA LEU A 40 27.24 -22.43 22.07
C LEU A 40 28.41 -23.07 21.28
N ASP A 41 29.52 -22.36 21.11
CA ASP A 41 30.67 -22.90 20.38
C ASP A 41 31.30 -24.15 20.99
N THR A 42 31.33 -25.26 20.23
CA THR A 42 31.91 -26.53 20.75
C THR A 42 32.76 -27.28 19.70
N SER A 43 32.78 -28.61 19.81
CA SER A 43 33.54 -29.48 18.90
C SER A 43 32.78 -30.79 18.65
N LEU A 44 32.83 -31.28 17.41
CA LEU A 44 32.13 -32.52 17.02
C LEU A 44 32.85 -33.70 17.73
N GLU A 45 33.73 -34.37 16.98
CA GLU A 45 34.55 -35.52 17.40
C GLU A 45 34.16 -36.46 18.57
N ASN A 46 34.26 -35.98 19.82
CA ASN A 46 33.95 -36.81 20.99
C ASN A 46 32.54 -36.71 21.60
N VAL A 47 31.55 -36.33 20.81
CA VAL A 47 30.17 -36.28 21.33
C VAL A 47 29.50 -37.55 20.84
N LYS A 48 29.00 -38.35 21.78
CA LYS A 48 28.34 -39.60 21.44
C LYS A 48 26.86 -39.44 21.11
N PRO A 49 26.47 -39.80 19.88
CA PRO A 49 25.05 -39.65 19.55
C PRO A 49 24.18 -40.61 20.34
N LEU A 50 23.04 -40.10 20.79
CA LEU A 50 22.11 -40.90 21.55
C LEU A 50 22.09 -42.32 20.96
N PRO A 51 22.04 -43.35 21.82
CA PRO A 51 22.00 -44.72 21.30
C PRO A 51 20.82 -44.99 20.37
N GLU A 52 19.61 -44.59 20.74
CA GLU A 52 18.47 -44.86 19.86
C GLU A 52 18.68 -44.38 18.41
N ALA A 53 19.48 -43.34 18.23
CA ALA A 53 19.78 -42.84 16.89
C ALA A 53 20.73 -43.82 16.20
N CYS A 54 21.93 -43.99 16.74
CA CYS A 54 22.92 -44.94 16.19
C CYS A 54 22.34 -46.31 15.84
N LYS A 55 21.60 -46.91 16.77
CA LYS A 55 20.99 -48.19 16.53
C LYS A 55 20.19 -48.16 15.24
N ARG A 56 19.35 -47.15 15.08
CA ARG A 56 18.52 -47.02 13.88
C ARG A 56 19.20 -46.60 12.59
N ASN A 57 20.34 -45.90 12.70
CA ASN A 57 21.16 -45.39 11.55
C ASN A 57 20.60 -44.10 10.98
N VAL A 58 19.80 -43.48 11.82
CA VAL A 58 19.11 -42.25 11.61
C VAL A 58 19.83 -41.22 12.51
N THR A 59 20.05 -40.00 12.02
CA THR A 59 20.68 -38.98 12.84
C THR A 59 19.74 -38.57 13.94
N GLU A 60 20.24 -37.91 14.96
CA GLU A 60 19.37 -37.44 16.03
C GLU A 60 18.38 -36.39 15.46
N PHE A 61 18.89 -35.50 14.60
CA PHE A 61 18.02 -34.47 14.05
C PHE A 61 16.83 -35.13 13.46
N ASP A 62 17.07 -36.12 12.65
CA ASP A 62 16.02 -36.86 11.96
C ASP A 62 15.04 -37.57 12.87
N LEU A 63 15.58 -38.10 13.97
CA LEU A 63 14.80 -38.83 14.94
C LEU A 63 13.95 -37.84 15.71
N VAL A 64 14.51 -36.73 16.18
CA VAL A 64 13.64 -35.79 16.88
C VAL A 64 12.64 -35.04 15.93
N ALA A 65 13.07 -34.75 14.71
CA ALA A 65 12.24 -34.03 13.74
C ALA A 65 11.09 -34.85 13.17
N TYR A 66 11.41 -36.03 12.67
CA TYR A 66 10.43 -36.88 12.04
C TYR A 66 9.99 -38.18 12.70
N GLY A 67 10.68 -38.60 13.76
CA GLY A 67 10.30 -39.81 14.45
C GLY A 67 9.02 -39.45 15.15
N LYS A 68 8.03 -40.35 15.10
CA LYS A 68 6.73 -40.12 15.73
C LYS A 68 6.74 -40.08 17.22
N ASP A 69 7.73 -40.71 17.85
CA ASP A 69 7.72 -40.65 19.32
C ASP A 69 8.49 -39.54 19.89
N GLU A 70 8.14 -39.20 21.11
CA GLU A 70 8.79 -38.15 21.83
C GLU A 70 10.01 -38.75 22.47
N PHE A 71 10.93 -37.90 22.90
CA PHE A 71 12.11 -38.37 23.55
C PHE A 71 11.68 -38.84 24.92
N THR A 72 12.31 -39.91 25.39
CA THR A 72 12.03 -40.42 26.72
C THR A 72 12.70 -39.46 27.71
N LEU A 73 12.56 -39.73 29.00
CA LEU A 73 13.19 -38.90 29.99
C LEU A 73 14.67 -39.29 29.91
N SER A 74 14.92 -40.56 29.63
CA SER A 74 16.29 -41.02 29.51
C SER A 74 16.96 -40.22 28.40
N GLU A 76 16.09 -37.18 27.13
CA GLU A 76 16.29 -35.76 27.45
C GLU A 76 17.52 -35.58 28.37
N LYS A 77 17.71 -36.51 29.31
CA LYS A 77 18.84 -36.48 30.22
C LYS A 77 20.14 -36.42 29.47
N ARG A 78 20.32 -37.33 28.53
CA ARG A 78 21.57 -37.36 27.83
C ARG A 78 21.78 -36.07 27.03
N VAL A 79 20.69 -35.38 26.71
CA VAL A 79 20.81 -34.13 25.98
C VAL A 79 21.16 -32.98 26.90
N ALA A 81 22.53 -33.22 29.69
CA ALA A 81 23.89 -33.47 30.16
C ALA A 81 24.92 -32.84 29.20
N ARG A 82 24.68 -32.96 27.91
CA ARG A 82 25.59 -32.35 26.93
C ARG A 82 25.46 -30.85 27.04
N PHE A 84 24.97 -29.30 29.79
CA PHE A 84 25.66 -29.03 31.05
C PHE A 84 27.13 -28.91 30.89
N SER A 85 27.67 -29.82 30.09
CA SER A 85 29.10 -29.84 29.84
C SER A 85 29.48 -28.64 28.98
N ALA A 86 28.58 -28.25 28.09
CA ALA A 86 28.86 -27.09 27.27
C ALA A 86 29.17 -25.92 28.19
N PHE A 87 28.24 -25.67 29.12
CA PHE A 87 28.36 -24.57 30.07
C PHE A 87 29.54 -24.77 31.00
N ASP A 88 30.03 -26.00 31.05
CA ASP A 88 31.20 -26.37 31.88
C ASP A 88 32.48 -26.19 31.06
N VAL A 89 32.73 -24.94 30.68
CA VAL A 89 33.88 -24.53 29.85
C VAL A 89 35.24 -24.88 30.42
N THR A 90 35.36 -24.70 31.72
CA THR A 90 36.57 -25.01 32.45
C THR A 90 36.54 -26.52 32.73
N GLN A 91 35.60 -27.22 32.08
CA GLN A 91 35.40 -28.65 32.26
C GLN A 91 35.93 -29.18 33.62
N LEU A 92 35.21 -28.84 34.70
CA LEU A 92 35.59 -29.25 36.05
C LEU A 92 34.67 -30.26 36.72
N GLY A 93 33.60 -30.67 36.03
CA GLY A 93 32.68 -31.67 36.58
C GLY A 93 31.46 -31.17 37.37
N TYR A 94 31.28 -29.87 37.46
CA TYR A 94 30.16 -29.31 38.20
C TYR A 94 30.17 -27.87 37.79
N LEU A 95 29.16 -27.10 38.22
CA LEU A 95 29.06 -25.67 37.91
C LEU A 95 28.68 -24.78 39.12
N GLU A 96 29.14 -23.53 39.11
CA GLU A 96 28.78 -22.61 40.18
C GLU A 96 27.30 -22.25 39.98
N GLU A 97 26.60 -22.02 41.08
CA GLU A 97 25.19 -21.69 41.03
C GLU A 97 24.82 -20.48 40.19
N ARG A 98 25.81 -19.70 39.76
CA ARG A 98 25.51 -18.50 38.98
C ARG A 98 25.41 -18.94 37.50
N LYS A 99 26.05 -20.06 37.20
CA LYS A 99 26.06 -20.59 35.85
C LYS A 99 24.78 -21.36 35.66
N ILE A 100 24.54 -22.30 36.55
CA ILE A 100 23.31 -23.08 36.53
C ILE A 100 22.13 -22.10 36.36
N GLU A 101 22.25 -20.89 36.90
CA GLU A 101 21.16 -19.92 36.77
C GLU A 101 21.10 -19.31 35.36
N HIS A 102 22.24 -19.15 34.70
CA HIS A 102 22.23 -18.61 33.34
C HIS A 102 21.68 -19.74 32.47
N CYS A 104 19.75 -22.07 33.21
CA CYS A 104 18.31 -22.18 33.30
C CYS A 104 17.57 -21.16 32.47
N LYS A 105 18.06 -19.92 32.48
CA LYS A 105 17.43 -18.86 31.73
C LYS A 105 17.70 -19.12 30.27
N TYR A 106 18.73 -19.90 30.01
CA TYR A 106 19.00 -20.18 28.64
C TYR A 106 18.01 -21.23 28.16
N LEU A 107 17.64 -22.18 29.02
CA LEU A 107 16.74 -23.25 28.62
C LEU A 107 15.30 -22.85 28.58
N GLY A 108 15.06 -21.57 28.86
CA GLY A 108 13.72 -21.03 28.82
C GLY A 108 12.99 -20.84 30.14
N ARG A 109 13.61 -21.19 31.27
CA ARG A 109 12.91 -21.03 32.54
C ARG A 109 12.92 -19.61 33.17
N VAL A 110 11.79 -19.24 33.77
CA VAL A 110 11.67 -17.91 34.36
C VAL A 110 12.17 -17.92 35.80
N ASN A 112 13.07 -16.03 38.76
CA ASN A 112 13.08 -14.79 39.54
C ASN A 112 13.84 -14.88 40.87
N GLU A 113 14.08 -13.74 41.51
CA GLU A 113 14.80 -13.69 42.78
C GLU A 113 14.40 -14.83 43.71
N ASP A 114 13.11 -15.14 43.77
CA ASP A 114 12.57 -16.20 44.61
C ASP A 114 13.00 -17.59 44.16
N ASP A 115 12.72 -17.91 42.89
CA ASP A 115 13.07 -19.22 42.34
C ASP A 115 14.51 -19.64 42.51
N VAL A 116 15.44 -18.71 42.35
CA VAL A 116 16.85 -19.05 42.50
C VAL A 116 17.09 -19.53 43.93
N LYS A 117 16.47 -18.85 44.88
CA LYS A 117 16.62 -19.24 46.26
C LYS A 117 16.13 -20.67 46.39
N GLN A 118 14.91 -20.95 45.94
CA GLN A 118 14.34 -22.29 46.02
C GLN A 118 15.23 -23.38 45.42
N LYS A 120 18.63 -23.34 45.26
CA LYS A 120 19.77 -23.51 46.16
C LYS A 120 19.32 -24.36 47.35
N SER A 121 18.23 -23.95 47.99
CA SER A 121 17.69 -24.68 49.13
C SER A 121 17.54 -26.18 48.78
N GLU A 122 16.99 -26.47 47.61
CA GLU A 122 16.79 -27.81 47.08
C GLU A 122 18.10 -28.56 46.93
N ILE A 123 19.07 -27.92 46.29
CA ILE A 123 20.35 -28.58 46.09
C ILE A 123 21.18 -28.51 47.36
N ASN A 124 20.91 -27.53 48.20
CA ASN A 124 21.66 -27.40 49.42
C ASN A 124 23.14 -27.74 49.17
N ALA A 125 23.79 -26.99 48.29
CA ALA A 125 25.21 -27.20 47.97
C ALA A 125 26.06 -26.12 48.68
N ILE A 126 26.32 -26.36 49.97
CA ILE A 126 27.07 -25.44 50.80
C ILE A 126 28.25 -24.72 50.11
N ASP A 127 28.97 -25.41 49.24
CA ASP A 127 30.09 -24.78 48.54
C ASP A 127 29.67 -24.12 47.19
N GLY A 128 28.40 -24.34 46.81
CA GLY A 128 27.86 -23.75 45.59
C GLY A 128 28.27 -24.46 44.31
N HIS A 129 28.81 -25.64 44.50
CA HIS A 129 29.27 -26.45 43.40
C HIS A 129 28.13 -27.40 43.08
N ILE A 130 27.54 -27.26 41.89
CA ILE A 130 26.42 -28.13 41.52
C ILE A 130 26.71 -29.15 40.45
N THR A 131 26.54 -30.41 40.82
CA THR A 131 26.79 -31.50 39.90
C THR A 131 25.61 -31.64 38.94
N PHE A 132 25.86 -32.30 37.81
CA PHE A 132 24.82 -32.53 36.84
C PHE A 132 23.71 -33.34 37.51
N GLU A 133 24.06 -34.52 38.04
CA GLU A 133 23.05 -35.35 38.68
C GLU A 133 22.18 -34.57 39.63
N LYS A 134 22.79 -33.69 40.43
CA LYS A 134 22.00 -32.91 41.36
C LYS A 134 21.19 -31.90 40.61
N PHE A 135 21.73 -31.40 39.49
CA PHE A 135 21.01 -30.44 38.69
C PHE A 135 19.82 -31.13 38.10
N TRP A 136 20.11 -32.16 37.31
CA TRP A 136 19.07 -32.93 36.64
C TRP A 136 18.02 -33.41 37.62
N ALA A 137 18.41 -33.79 38.82
CA ALA A 137 17.44 -34.26 39.83
C ALA A 137 16.50 -33.14 40.22
N TRP A 138 17.06 -31.94 40.32
CA TRP A 138 16.28 -30.77 40.70
C TRP A 138 15.31 -30.35 39.59
N TRP A 139 15.81 -30.33 38.33
CA TRP A 139 15.05 -29.95 37.13
C TRP A 139 13.77 -30.79 36.96
N CYS A 140 13.97 -32.09 37.02
CA CYS A 140 12.91 -33.04 36.89
C CYS A 140 11.92 -32.91 37.99
N SER A 141 12.31 -32.35 39.12
CA SER A 141 11.35 -32.25 40.22
C SER A 141 10.63 -30.93 40.29
N HIS A 142 11.04 -29.98 39.46
CA HIS A 142 10.40 -28.67 39.48
C HIS A 142 10.19 -28.12 38.11
N PRO A 143 9.09 -28.53 37.46
CA PRO A 143 8.74 -28.07 36.12
C PRO A 143 8.18 -26.64 36.21
N GLU A 144 8.73 -25.89 37.17
CA GLU A 144 8.40 -24.50 37.47
C GLU A 144 6.99 -23.99 37.21
N VAL A 145 6.57 -23.07 38.07
CA VAL A 145 5.26 -22.43 38.00
C VAL A 145 4.48 -22.62 36.71
N PRO A 146 3.17 -22.81 36.85
CA PRO A 146 2.27 -23.01 35.72
C PRO A 146 1.92 -21.63 35.19
N ALA A 147 0.69 -21.23 35.54
CA ALA A 147 0.07 -19.95 35.15
C ALA A 147 0.83 -18.69 35.53
N LYS A 148 2.03 -18.84 36.13
CA LYS A 148 2.86 -17.68 36.51
C LYS A 148 3.25 -16.97 35.20
N LYS A 149 3.18 -17.74 34.11
CA LYS A 149 3.46 -17.29 32.73
C LYS A 149 2.82 -15.91 32.48
N ASP A 150 1.70 -15.67 33.17
CA ASP A 150 0.89 -14.42 33.12
C ASP A 150 1.70 -13.13 33.06
N PHE A 151 3.00 -13.28 32.81
CA PHE A 151 3.94 -12.16 32.65
C PHE A 151 4.14 -11.90 31.16
N PHE A 152 3.82 -10.70 30.68
CA PHE A 152 4.05 -10.41 29.28
C PHE A 152 4.95 -9.20 29.14
N SER A 153 6.06 -9.38 28.44
CA SER A 153 6.96 -8.31 28.23
C SER A 153 6.32 -7.19 27.40
N VAL A 155 7.91 -4.16 26.76
CA VAL A 155 8.89 -3.31 26.13
C VAL A 155 8.53 -3.06 24.68
N SER A 156 8.59 -1.83 24.26
CA SER A 156 8.26 -1.54 22.90
C SER A 156 8.78 -0.15 22.63
N VAL A 157 9.26 0.05 21.41
CA VAL A 157 9.74 1.34 21.01
C VAL A 157 8.59 2.33 21.20
N ASP A 158 7.36 1.85 21.33
CA ASP A 158 6.23 2.79 21.49
C ASP A 158 6.37 4.08 20.62
N PHE A 159 6.28 3.86 19.32
CA PHE A 159 6.35 4.85 18.26
C PHE A 159 4.84 5.16 18.17
N ALA A 160 4.39 5.83 19.22
CA ALA A 160 2.99 6.26 19.40
C ALA A 160 2.73 7.38 18.44
N VAL A 161 2.40 7.01 17.21
CA VAL A 161 2.17 7.97 16.17
C VAL A 161 0.82 7.77 15.54
N PRO A 162 -0.21 8.42 16.11
CA PRO A 162 -1.64 8.41 15.71
C PRO A 162 -1.97 9.37 14.55
N TYR A 163 -3.10 9.16 13.89
CA TYR A 163 -3.46 10.07 12.81
C TYR A 163 -4.75 9.73 12.11
N HIS A 164 -5.48 10.77 11.74
CA HIS A 164 -6.71 10.54 11.05
C HIS A 164 -6.32 10.25 9.61
N GLN A 165 -6.72 9.08 9.13
CA GLN A 165 -6.45 8.67 7.76
C GLN A 165 -7.46 9.38 6.89
N GLN A 166 -7.11 9.72 5.66
CA GLN A 166 -8.09 10.39 4.81
C GLN A 166 -8.41 9.45 3.64
N GLN A 167 -9.62 9.56 3.16
CA GLN A 167 -9.99 8.75 2.06
C GLN A 167 -10.27 9.80 0.95
N LEU A 168 -9.58 9.62 -0.16
CA LEU A 168 -9.71 10.51 -1.28
C LEU A 168 -11.06 10.28 -1.94
N LEU A 169 -11.80 11.36 -2.23
CA LEU A 169 -13.10 11.24 -2.93
C LEU A 169 -13.08 12.19 -4.12
N THR A 170 -13.76 11.79 -5.18
CA THR A 170 -13.87 12.66 -6.33
C THR A 170 -15.36 12.87 -6.66
N ARG A 171 -15.73 14.03 -7.18
CA ARG A 171 -17.12 14.24 -7.53
C ARG A 171 -17.14 15.01 -8.77
N GLU A 172 -17.98 14.63 -9.70
CA GLU A 172 -18.11 15.37 -10.94
C GLU A 172 -19.19 16.42 -10.70
N THR A 173 -19.23 17.45 -11.52
CA THR A 173 -20.25 18.47 -11.42
C THR A 173 -20.23 19.07 -12.79
N GLY A 174 -21.32 19.68 -13.19
CA GLY A 174 -21.36 20.27 -14.51
C GLY A 174 -21.78 19.22 -15.50
N GLU A 175 -21.74 19.64 -16.76
CA GLU A 175 -22.13 18.84 -17.92
C GLU A 175 -20.86 18.51 -18.69
N LEU A 176 -20.69 17.24 -18.99
CA LEU A 176 -19.59 16.72 -19.74
C LEU A 176 -19.62 17.33 -21.16
N TYR A 177 -18.47 17.80 -21.63
CA TYR A 177 -18.35 18.44 -22.94
C TYR A 177 -18.79 19.91 -22.95
N THR A 178 -18.88 20.54 -21.78
CA THR A 178 -19.24 21.96 -21.67
C THR A 178 -18.23 22.55 -20.73
N PRO A 179 -18.23 23.89 -20.56
CA PRO A 179 -17.25 24.51 -19.65
C PRO A 179 -17.52 24.38 -18.14
N SER A 180 -18.65 23.82 -17.75
CA SER A 180 -18.91 23.71 -16.35
C SER A 180 -18.37 22.43 -15.74
N TYR A 181 -18.01 21.47 -16.59
CA TYR A 181 -17.53 20.18 -16.14
C TYR A 181 -16.26 20.31 -15.33
N ARG A 182 -16.25 19.65 -14.19
CA ARG A 182 -15.11 19.68 -13.32
C ARG A 182 -15.18 18.39 -12.50
N VAL A 183 -14.02 17.87 -12.13
CA VAL A 183 -13.96 16.72 -11.29
C VAL A 183 -13.31 17.32 -10.03
N LEU A 184 -14.05 17.35 -8.92
CA LEU A 184 -13.55 17.90 -7.63
C LEU A 184 -12.98 16.83 -6.73
N TYR A 185 -12.05 17.21 -5.85
CA TYR A 185 -11.42 16.28 -4.89
C TYR A 185 -11.64 16.60 -3.41
N TYR A 186 -11.83 15.58 -2.60
CA TYR A 186 -12.02 15.79 -1.18
C TYR A 186 -11.36 14.71 -0.39
N PHE A 187 -11.08 15.02 0.86
CA PHE A 187 -10.56 14.05 1.79
C PHE A 187 -11.70 13.85 2.75
N ARG A 188 -11.83 12.61 3.17
CA ARG A 188 -12.82 12.30 4.18
C ARG A 188 -11.97 11.80 5.30
N ASP A 189 -12.12 12.46 6.45
CA ASP A 189 -11.41 12.03 7.62
C ASP A 189 -12.27 10.80 7.91
N GLU A 191 -12.30 9.23 10.33
CA GLU A 191 -12.48 9.16 11.76
C GLU A 191 -13.75 9.95 12.03
N THR A 192 -13.68 11.24 11.76
CA THR A 192 -14.78 12.15 12.01
C THR A 192 -15.74 12.07 10.86
N GLY A 193 -15.23 11.72 9.69
CA GLY A 193 -16.07 11.64 8.51
C GLY A 193 -16.29 13.03 7.92
N LYS A 194 -15.54 14.01 8.39
CA LYS A 194 -15.65 15.37 7.88
C LYS A 194 -15.05 15.35 6.50
N GLU A 195 -15.64 16.09 5.57
CA GLU A 195 -15.14 16.17 4.18
C GLU A 195 -14.48 17.51 3.99
N LEU A 196 -13.39 17.56 3.25
CA LEU A 196 -12.74 18.82 2.98
C LEU A 196 -12.28 18.77 1.56
N GLN A 197 -12.48 19.83 0.81
CA GLN A 197 -12.01 19.86 -0.56
C GLN A 197 -10.47 20.01 -0.62
N VAL A 198 -9.81 19.30 -1.54
CA VAL A 198 -8.37 19.39 -1.57
C VAL A 198 -7.92 19.60 -2.99
N SER A 199 -6.66 19.91 -3.18
CA SER A 199 -6.13 20.07 -4.52
C SER A 199 -5.45 18.76 -4.89
N PRO A 200 -5.89 18.13 -5.98
CA PRO A 200 -5.22 16.89 -6.36
C PRO A 200 -3.73 17.17 -6.62
N TRP A 201 -3.42 18.38 -7.10
CA TRP A 201 -2.05 18.80 -7.39
C TRP A 201 -1.11 18.92 -6.17
N HIS A 202 -1.60 19.62 -5.11
CA HIS A 202 -0.86 19.84 -3.87
C HIS A 202 -1.15 18.90 -2.72
N ASP A 203 -2.34 18.29 -2.72
CA ASP A 203 -2.69 17.50 -1.54
C ASP A 203 -2.56 16.02 -1.64
N ILE A 204 -2.62 15.47 -2.84
CA ILE A 204 -2.44 14.03 -2.99
C ILE A 204 -0.89 13.73 -2.89
N PRO A 205 -0.50 12.91 -1.92
CA PRO A 205 0.95 12.76 -1.93
C PRO A 205 1.56 12.12 -3.13
N LEU A 206 2.72 12.63 -3.49
CA LEU A 206 3.44 12.12 -4.62
C LEU A 206 3.92 10.73 -4.34
N TYR A 207 4.70 10.55 -3.27
CA TYR A 207 5.22 9.24 -2.90
C TYR A 207 4.18 8.65 -2.01
N VAL A 208 3.94 7.35 -2.19
CA VAL A 208 2.95 6.68 -1.36
C VAL A 208 3.76 5.98 -0.30
N ARG A 209 3.70 6.49 0.92
CA ARG A 209 4.50 5.99 2.00
C ARG A 209 3.93 5.23 3.15
N ASP A 210 4.46 4.05 3.41
CA ASP A 210 4.03 3.26 4.54
C ASP A 210 4.74 3.72 5.81
N LEU A 211 3.94 4.00 6.84
CA LEU A 211 4.41 4.42 8.13
C LEU A 211 5.42 3.45 8.65
N VAL A 212 5.15 2.16 8.44
CA VAL A 212 6.08 1.11 8.84
C VAL A 212 6.11 0.21 7.62
N ARG A 213 7.17 0.35 6.83
CA ARG A 213 7.33 -0.40 5.61
C ARG A 213 7.75 -1.83 5.89
N THR A 214 6.92 -2.80 5.47
CA THR A 214 7.20 -4.20 5.71
C THR A 214 7.89 -4.95 4.58
N LYS A 215 7.79 -4.47 3.36
CA LYS A 215 8.47 -5.08 2.22
C LYS A 215 9.95 -5.12 2.51
N PRO A 216 10.65 -6.15 2.02
CA PRO A 216 12.09 -6.19 2.31
C PRO A 216 12.81 -4.91 2.02
N ALA A 217 13.71 -4.54 2.93
CA ALA A 217 14.52 -3.34 2.78
C ALA A 217 15.36 -3.57 1.52
N SER A 218 15.68 -4.82 1.25
CA SER A 218 16.46 -5.07 0.07
C SER A 218 15.71 -4.57 -1.19
N LEU A 219 14.40 -4.29 -1.07
CA LEU A 219 13.58 -3.83 -2.22
C LEU A 219 13.41 -2.32 -2.23
N PRO A 220 13.97 -1.64 -3.22
CA PRO A 220 13.81 -0.19 -3.20
C PRO A 220 12.37 0.29 -3.32
N ASN A 222 9.24 2.14 -4.72
CA ASN A 222 8.76 2.58 -5.98
C ASN A 222 7.26 2.50 -5.94
N ARG A 223 6.67 3.55 -5.40
CA ARG A 223 5.25 3.67 -5.23
C ARG A 223 4.79 5.13 -5.30
N TYR A 224 4.17 5.49 -6.43
CA TYR A 224 3.76 6.86 -6.58
C TYR A 224 2.29 7.00 -6.90
N ASN A 225 1.74 8.18 -6.62
CA ASN A 225 0.37 8.43 -6.96
C ASN A 225 0.32 9.01 -8.37
N PHE A 226 -0.69 8.66 -9.15
CA PHE A 226 -0.86 9.13 -10.53
C PHE A 226 -2.32 9.64 -10.71
N ILE A 227 -2.50 10.72 -11.45
CA ILE A 227 -3.81 11.29 -11.69
C ILE A 227 -4.14 11.18 -13.17
N CYS A 228 -5.17 10.40 -13.47
CA CYS A 228 -5.55 10.23 -14.83
C CYS A 228 -6.25 11.46 -15.35
N GLU A 229 -5.79 11.99 -16.45
CA GLU A 229 -6.44 13.12 -17.02
C GLU A 229 -7.18 12.58 -18.21
N ILE A 230 -6.47 11.81 -19.05
CA ILE A 230 -7.11 11.22 -20.23
C ILE A 230 -7.15 9.71 -20.24
N PRO A 231 -8.33 9.12 -19.99
CA PRO A 231 -8.43 7.63 -20.01
C PRO A 231 -8.02 6.85 -21.31
N LYS A 232 -7.48 5.69 -21.04
CA LYS A 232 -7.08 4.70 -22.07
C LYS A 232 -8.22 4.56 -23.07
N TRP A 233 -7.92 4.65 -24.37
CA TRP A 233 -8.91 4.53 -25.45
C TRP A 233 -9.80 5.70 -25.66
N THR A 234 -9.32 6.89 -25.31
CA THR A 234 -10.13 8.05 -25.52
C THR A 234 -9.29 9.18 -26.01
N ARG A 235 -9.92 10.14 -26.66
CA ARG A 235 -9.21 11.26 -27.23
C ARG A 235 -9.66 12.65 -26.81
N ALA A 236 -10.64 12.74 -25.90
CA ALA A 236 -11.16 14.01 -25.39
C ALA A 236 -10.16 14.57 -24.35
N LYS A 237 -9.91 15.87 -24.36
CA LYS A 237 -8.97 16.45 -23.46
C LYS A 237 -9.48 16.94 -22.11
N PHE A 238 -8.67 16.74 -21.10
CA PHE A 238 -8.98 17.12 -19.75
C PHE A 238 -7.67 17.52 -19.12
N GLU A 239 -7.70 18.27 -18.02
CA GLU A 239 -6.49 18.59 -17.30
C GLU A 239 -6.71 19.22 -15.94
N ILE A 240 -5.68 19.18 -15.13
CA ILE A 240 -5.73 19.78 -13.83
C ILE A 240 -5.73 21.27 -14.03
N ALA A 241 -6.72 21.98 -13.53
CA ALA A 241 -6.71 23.44 -13.73
C ALA A 241 -5.75 24.03 -12.69
N THR A 242 -4.51 24.21 -13.07
CA THR A 242 -3.54 24.79 -12.16
C THR A 242 -3.92 26.22 -11.79
N GLY A 243 -4.72 26.85 -12.63
CA GLY A 243 -5.13 28.21 -12.33
C GLY A 243 -6.32 28.39 -11.40
N GLU A 244 -7.23 27.42 -11.31
CA GLU A 244 -8.41 27.58 -10.44
C GLU A 244 -8.15 27.06 -9.05
N PRO A 245 -8.92 27.57 -8.07
CA PRO A 245 -8.81 27.18 -6.66
C PRO A 245 -9.16 25.69 -6.47
N PHE A 246 -8.29 24.96 -5.78
CA PHE A 246 -8.47 23.53 -5.50
C PHE A 246 -8.09 22.67 -6.70
N ASN A 247 -7.60 23.35 -7.73
CA ASN A 247 -7.13 22.66 -8.89
C ASN A 247 -7.93 21.47 -9.36
N PRO A 248 -9.24 21.63 -9.62
CA PRO A 248 -10.12 20.56 -10.10
C PRO A 248 -9.71 20.28 -11.55
N ILE A 249 -10.27 19.20 -12.09
CA ILE A 249 -9.96 18.83 -13.42
C ILE A 249 -11.06 19.38 -14.25
N LYS A 250 -10.66 19.95 -15.38
CA LYS A 250 -11.62 20.51 -16.29
C LYS A 250 -11.39 19.96 -17.67
N GLN A 251 -12.39 20.14 -18.51
CA GLN A 251 -12.32 19.68 -19.90
C GLN A 251 -11.67 20.83 -20.65
N ASP A 252 -10.97 20.51 -21.72
CA ASP A 252 -10.34 21.54 -22.52
C ASP A 252 -11.34 21.97 -23.56
N ILE A 253 -11.93 23.14 -23.30
CA ILE A 253 -12.92 23.73 -24.17
C ILE A 253 -12.35 25.05 -24.63
N LYS A 254 -12.41 25.28 -25.93
CA LYS A 254 -11.94 26.53 -26.51
C LYS A 254 -13.14 27.02 -27.36
N ASN A 255 -13.44 28.31 -27.25
CA ASN A 255 -14.59 28.89 -27.96
C ASN A 255 -15.89 28.03 -27.80
N GLY A 256 -16.06 27.45 -26.60
CA GLY A 256 -17.24 26.66 -26.32
C GLY A 256 -17.29 25.27 -26.95
N VAL A 257 -16.24 24.89 -27.64
CA VAL A 257 -16.23 23.59 -28.28
C VAL A 257 -15.13 22.76 -27.62
N PRO A 258 -15.50 21.66 -27.01
CA PRO A 258 -14.49 20.80 -26.35
C PRO A 258 -13.40 20.40 -27.31
N ARG A 259 -12.18 20.25 -26.82
CA ARG A 259 -11.01 19.84 -27.63
C ARG A 259 -10.74 18.36 -27.60
N PHE A 260 -10.12 17.86 -28.67
CA PHE A 260 -9.81 16.44 -28.82
C PHE A 260 -8.49 16.17 -29.48
N TYR A 261 -7.86 15.03 -29.22
CA TYR A 261 -6.63 14.69 -29.97
C TYR A 261 -7.14 14.16 -31.31
N LYS A 262 -6.82 14.84 -32.41
CA LYS A 262 -7.34 14.39 -33.71
C LYS A 262 -6.56 13.25 -34.29
N HIS A 263 -5.31 13.12 -33.87
CA HIS A 263 -4.46 12.05 -34.33
C HIS A 263 -5.02 10.64 -34.12
N GLY A 264 -5.71 10.43 -33.00
CA GLY A 264 -6.31 9.13 -32.70
C GLY A 264 -6.46 9.04 -31.20
N ASP A 265 -7.06 7.98 -30.72
CA ASP A 265 -7.19 7.78 -29.30
C ASP A 265 -5.87 7.54 -28.59
N TRP A 268 -2.98 4.48 -23.64
CA TRP A 268 -2.69 4.22 -22.25
C TRP A 268 -3.37 5.32 -21.47
N ASN A 269 -3.42 5.19 -20.17
CA ASN A 269 -4.03 6.22 -19.39
C ASN A 269 -2.92 7.27 -19.32
N TYR A 270 -3.28 8.50 -19.67
CA TYR A 270 -2.37 9.61 -19.67
C TYR A 270 -2.73 10.52 -18.50
N GLY A 271 -1.76 10.93 -17.71
CA GLY A 271 -2.12 11.79 -16.61
C GLY A 271 -0.97 12.59 -16.06
N ALA A 272 -0.94 12.74 -14.78
CA ALA A 272 0.14 13.51 -14.24
C ALA A 272 0.50 13.07 -12.83
N LEU A 273 1.66 13.44 -12.35
CA LEU A 273 1.98 13.04 -10.99
C LEU A 273 1.73 14.23 -10.06
N PRO A 274 1.11 14.01 -8.90
CA PRO A 274 0.87 15.17 -8.00
C PRO A 274 2.17 15.71 -7.38
N GLN A 275 2.09 16.92 -6.80
CA GLN A 275 3.24 17.59 -6.15
C GLN A 275 4.48 17.67 -6.97
N THR A 276 4.36 17.99 -8.25
CA THR A 276 5.52 18.14 -9.11
C THR A 276 5.35 19.39 -9.93
N TRP A 277 6.47 19.89 -10.45
CA TRP A 277 6.42 21.10 -11.25
C TRP A 277 7.64 21.24 -12.21
N GLU A 278 7.35 21.25 -13.51
CA GLU A 278 8.38 21.40 -14.56
C GLU A 278 8.41 22.88 -14.79
N SER A 279 9.19 23.59 -13.96
CA SER A 279 9.19 25.05 -14.03
C SER A 279 9.76 25.59 -15.32
N THR A 280 9.10 26.63 -15.86
CA THR A 280 9.60 27.24 -17.07
C THR A 280 10.78 28.09 -16.68
N ASP A 281 10.90 28.37 -15.38
CA ASP A 281 12.08 29.09 -14.88
C ASP A 281 13.07 28.00 -14.56
N VAL A 282 14.29 28.08 -15.03
CA VAL A 282 15.20 27.05 -14.60
C VAL A 282 15.25 27.41 -13.09
N VAL A 283 15.30 26.42 -12.17
CA VAL A 283 15.36 26.75 -10.73
C VAL A 283 16.65 26.26 -10.00
N PHE A 284 17.37 25.29 -10.59
CA PHE A 284 18.65 24.82 -10.04
C PHE A 284 19.64 24.65 -11.19
N GLU A 285 20.94 24.62 -10.85
CA GLU A 285 22.09 24.56 -11.78
C GLU A 285 22.15 23.59 -13.00
N GLY A 286 21.30 22.58 -13.02
CA GLY A 286 21.23 21.68 -14.15
C GLY A 286 19.75 21.71 -14.53
N GLY A 287 19.18 22.90 -14.41
CA GLY A 287 17.78 23.12 -14.70
C GLY A 287 17.44 23.12 -16.18
N TYR A 288 16.33 22.47 -16.48
CA TYR A 288 15.91 22.41 -17.86
C TYR A 288 14.85 23.48 -18.13
N VAL A 289 14.27 23.43 -19.32
CA VAL A 289 13.25 24.38 -19.72
C VAL A 289 11.84 23.74 -19.59
N GLY A 290 11.33 23.73 -18.36
CA GLY A 290 10.03 23.17 -18.14
C GLY A 290 8.94 23.87 -18.93
N ASP A 291 7.74 23.30 -18.82
CA ASP A 291 6.54 23.80 -19.49
C ASP A 291 5.50 24.33 -18.51
N ASN A 292 5.84 24.43 -17.22
CA ASN A 292 4.95 24.94 -16.19
C ASN A 292 3.73 24.14 -15.80
N ASP A 293 3.84 22.84 -15.97
CA ASP A 293 2.78 21.97 -15.57
C ASP A 293 3.38 20.86 -14.73
N PRO A 294 2.52 20.12 -14.00
CA PRO A 294 2.99 18.99 -13.18
C PRO A 294 3.56 18.04 -14.22
N ILE A 295 4.51 17.20 -13.85
CA ILE A 295 5.10 16.26 -14.80
C ILE A 295 4.06 15.27 -15.32
N ASP A 296 4.15 14.96 -16.60
CA ASP A 296 3.23 14.10 -17.30
C ASP A 296 3.57 12.66 -17.16
N ALA A 297 2.53 11.84 -17.11
CA ALA A 297 2.77 10.43 -16.95
C ALA A 297 1.85 9.58 -17.76
N ILE A 298 2.37 8.46 -18.23
CA ILE A 298 1.64 7.46 -19.02
C ILE A 298 1.63 6.12 -18.24
N GLU A 299 0.44 5.61 -17.87
CA GLU A 299 0.38 4.34 -17.10
C GLU A 299 0.00 3.24 -18.10
N ILE A 300 0.84 2.22 -18.25
CA ILE A 300 0.64 1.15 -19.21
C ILE A 300 -0.08 -0.16 -18.84
N GLY A 301 -0.82 -0.21 -17.72
CA GLY A 301 -1.54 -1.44 -17.42
C GLY A 301 -2.73 -1.57 -18.36
N THR A 303 -5.97 -1.82 -17.62
CA THR A 303 -7.18 -1.21 -17.13
C THR A 303 -7.26 0.27 -17.39
N GLN A 304 -8.45 0.70 -17.81
CA GLN A 304 -8.73 2.11 -18.03
C GLN A 304 -9.13 2.78 -16.73
N PHE A 305 -8.56 3.95 -16.47
CA PHE A 305 -8.89 4.76 -15.28
C PHE A 305 -9.99 5.68 -15.72
N LYS A 306 -10.81 6.15 -14.82
CA LYS A 306 -11.78 7.13 -15.26
C LYS A 306 -11.12 8.51 -15.12
N VAL A 307 -11.73 9.53 -15.69
CA VAL A 307 -11.18 10.89 -15.61
C VAL A 307 -10.92 11.28 -14.16
N GLY A 308 -9.76 11.87 -13.91
CA GLY A 308 -9.39 12.27 -12.56
C GLY A 308 -9.20 11.14 -11.55
N GLN A 309 -9.36 9.88 -11.93
CA GLN A 309 -9.14 8.79 -10.98
C GLN A 309 -7.68 8.77 -10.53
N VAL A 310 -7.43 8.47 -9.24
CA VAL A 310 -6.07 8.39 -8.71
C VAL A 310 -5.69 6.98 -8.28
N GLY A 311 -4.45 6.59 -8.52
CA GLY A 311 -4.02 5.26 -8.15
C GLY A 311 -2.51 5.15 -7.97
N ALA A 312 -2.07 4.14 -7.22
CA ALA A 312 -0.66 3.92 -7.03
C ALA A 312 0.02 3.25 -8.25
N VAL A 313 1.15 3.85 -8.67
CA VAL A 313 1.89 3.30 -9.78
C VAL A 313 3.36 3.06 -9.46
N LYS A 314 3.97 2.27 -10.33
CA LYS A 314 5.36 1.90 -10.19
C LYS A 314 6.02 2.57 -11.40
N VAL A 315 7.03 3.38 -11.19
CA VAL A 315 7.75 4.12 -12.24
C VAL A 315 8.76 3.18 -12.92
N LEU A 316 8.68 3.06 -14.24
CA LEU A 316 9.57 2.19 -14.98
C LEU A 316 10.62 2.92 -15.78
N GLY A 317 10.34 4.13 -16.23
CA GLY A 317 11.34 4.83 -17.01
C GLY A 317 10.82 6.18 -17.44
N ILE A 318 11.45 6.78 -18.44
CA ILE A 318 10.93 8.06 -18.83
C ILE A 318 11.42 8.28 -20.23
N LEU A 319 10.64 9.08 -20.97
CA LEU A 319 10.91 9.44 -22.33
C LEU A 319 10.94 11.01 -22.43
N GLY A 320 12.00 11.61 -22.98
CA GLY A 320 12.04 13.07 -23.05
C GLY A 320 11.67 13.61 -24.43
N ILE A 322 10.54 17.00 -26.88
CA ILE A 322 10.63 18.47 -26.86
C ILE A 322 9.27 18.99 -27.32
N ASP A 323 8.76 20.01 -26.63
CA ASP A 323 7.49 20.57 -27.06
C ASP A 323 7.67 22.07 -27.10
N ASP A 324 7.69 22.64 -28.32
CA ASP A 324 7.85 24.07 -28.49
C ASP A 324 9.12 24.53 -27.74
N GLY A 325 10.18 23.74 -27.88
CA GLY A 325 11.44 24.10 -27.22
C GLY A 325 11.51 23.80 -25.74
N GLN A 326 10.36 23.47 -25.16
CA GLN A 326 10.28 23.13 -23.73
C GLN A 326 10.49 21.62 -23.52
N ASP A 328 9.60 18.23 -22.12
CA ASP A 328 8.30 17.70 -21.74
C ASP A 328 8.37 16.18 -21.49
N TRP A 329 8.88 15.85 -20.33
CA TRP A 329 9.04 14.49 -19.84
C TRP A 329 7.69 13.76 -19.75
N LYS A 330 7.75 12.47 -20.01
CA LYS A 330 6.59 11.62 -19.93
C LYS A 330 7.09 10.42 -19.13
N VAL A 331 6.68 10.35 -17.86
CA VAL A 331 7.08 9.22 -17.00
C VAL A 331 6.29 8.00 -17.44
N ILE A 332 6.99 6.90 -17.63
CA ILE A 332 6.33 5.65 -18.00
C ILE A 332 6.16 4.88 -16.71
N CYS A 333 4.94 4.51 -16.39
CA CYS A 333 4.67 3.81 -15.16
C CYS A 333 3.56 2.78 -15.38
N ILE A 334 3.31 1.94 -14.36
CA ILE A 334 2.27 0.95 -14.43
C ILE A 334 1.59 0.84 -13.08
N SER A 335 0.27 0.72 -13.10
CA SER A 335 -0.48 0.56 -11.88
C SER A 335 -0.06 -0.70 -11.07
N HIS A 336 0.19 -0.55 -9.77
CA HIS A 336 0.53 -1.65 -8.86
C HIS A 336 -0.58 -2.73 -8.85
N ASN A 337 -1.77 -2.35 -9.29
CA ASN A 337 -2.82 -3.35 -9.34
C ASN A 337 -2.93 -4.14 -10.65
N ASP A 338 -2.07 -3.86 -11.61
CA ASP A 338 -2.12 -4.60 -12.87
C ASP A 338 -1.52 -6.00 -12.61
N PRO A 339 -2.05 -7.03 -13.30
CA PRO A 339 -1.54 -8.39 -13.11
C PRO A 339 -0.06 -8.60 -13.43
N ILE A 340 0.54 -7.80 -14.29
CA ILE A 340 1.97 -8.02 -14.57
C ILE A 340 2.95 -7.09 -13.85
N CYS A 341 2.44 -6.10 -13.15
CA CYS A 341 3.30 -5.18 -12.43
C CYS A 341 4.48 -5.83 -11.74
N ARG A 342 4.21 -6.88 -10.97
CA ARG A 342 5.26 -7.57 -10.23
C ARG A 342 6.38 -8.21 -11.04
N PHE A 343 6.20 -8.35 -12.35
CA PHE A 343 7.22 -8.89 -13.23
C PHE A 343 7.89 -7.77 -14.01
N LEU A 344 7.32 -6.57 -14.02
CA LEU A 344 7.97 -5.46 -14.68
C LEU A 344 8.93 -4.76 -13.72
N LYS A 345 10.21 -5.13 -13.72
CA LYS A 345 11.15 -4.52 -12.79
C LYS A 345 11.76 -3.21 -13.28
N ASP A 346 12.10 -3.09 -14.56
CA ASP A 346 12.64 -1.81 -15.04
C ASP A 346 12.10 -1.66 -16.44
N ILE A 347 12.55 -0.60 -17.14
CA ILE A 347 12.10 -0.27 -18.47
C ILE A 347 12.45 -1.35 -19.53
N HIS A 348 13.47 -2.17 -19.28
CA HIS A 348 13.87 -3.21 -20.25
C HIS A 348 12.88 -4.39 -20.22
N ASP A 349 12.10 -4.48 -19.16
CA ASP A 349 11.16 -5.55 -19.09
C ASP A 349 9.94 -5.27 -19.91
N VAL A 350 9.70 -4.03 -20.28
CA VAL A 350 8.47 -3.76 -20.99
C VAL A 350 8.38 -4.40 -22.39
N PRO A 351 9.49 -4.40 -23.16
CA PRO A 351 9.41 -5.02 -24.50
C PRO A 351 9.28 -6.52 -24.34
N LYS A 352 9.51 -7.04 -23.15
CA LYS A 352 9.37 -8.49 -22.91
C LYS A 352 7.95 -8.97 -22.59
N PHE A 353 7.12 -8.14 -21.97
CA PHE A 353 5.78 -8.57 -21.67
C PHE A 353 4.78 -7.72 -22.51
N LEU A 354 5.16 -6.50 -22.85
CA LEU A 354 4.28 -5.67 -23.62
C LEU A 354 5.04 -5.30 -24.92
N PRO A 355 5.42 -6.29 -25.72
CA PRO A 355 6.13 -5.92 -26.94
C PRO A 355 5.30 -4.92 -27.68
N GLY A 356 5.97 -3.97 -28.35
CA GLY A 356 5.28 -2.96 -29.12
C GLY A 356 4.85 -1.73 -28.32
N CYS A 357 4.74 -1.89 -27.01
CA CYS A 357 4.31 -0.78 -26.20
C CYS A 357 5.22 0.45 -26.28
N LEU A 358 6.48 0.28 -25.89
CA LEU A 358 7.36 1.43 -25.99
C LEU A 358 7.47 1.96 -27.49
N ASP A 359 7.41 1.10 -28.50
CA ASP A 359 7.45 1.64 -29.87
C ASP A 359 6.21 2.50 -30.19
N ALA A 360 5.03 2.00 -29.83
CA ALA A 360 3.83 2.72 -30.13
C ALA A 360 3.77 4.03 -29.32
N ILE A 361 4.25 4.01 -28.09
CA ILE A 361 4.24 5.23 -27.27
C ILE A 361 5.12 6.29 -27.90
N HIS A 362 6.30 5.85 -28.32
CA HIS A 362 7.27 6.73 -28.92
C HIS A 362 6.77 7.33 -30.23
N GLU A 363 6.21 6.49 -31.08
CA GLU A 363 5.72 6.95 -32.36
C GLU A 363 4.47 7.83 -32.19
N TRP A 364 3.62 7.49 -31.23
CA TRP A 364 2.45 8.30 -31.02
C TRP A 364 2.88 9.75 -30.63
N PHE A 365 3.80 9.94 -29.70
CA PHE A 365 4.18 11.31 -29.36
C PHE A 365 5.01 12.04 -30.43
N ARG A 366 5.73 11.27 -31.25
CA ARG A 366 6.51 11.87 -32.26
C ARG A 366 5.59 12.46 -33.29
N VAL A 367 4.48 11.83 -33.56
CA VAL A 367 3.69 12.35 -34.66
C VAL A 367 2.32 12.88 -34.44
N TYR A 368 1.88 13.02 -33.19
CA TYR A 368 0.49 13.44 -32.98
C TYR A 368 0.08 14.80 -33.47
N LYS A 369 1.04 15.66 -33.81
CA LYS A 369 0.68 16.99 -34.31
C LYS A 369 0.62 17.08 -35.81
N ILE A 370 1.32 16.20 -36.53
CA ILE A 370 1.31 16.24 -37.99
C ILE A 370 -0.09 16.34 -38.65
N CYS A 371 -1.12 15.64 -38.14
CA CYS A 371 -2.44 15.74 -38.76
C CYS A 371 -3.06 17.09 -38.51
N GLN A 372 -2.40 17.93 -37.75
CA GLN A 372 -3.01 19.23 -37.50
C GLN A 372 -2.14 20.31 -38.07
N GLY A 373 -1.34 19.92 -39.07
CA GLY A 373 -0.46 20.88 -39.70
C GLY A 373 0.86 21.05 -38.99
N GLY A 374 1.07 20.36 -37.89
CA GLY A 374 2.32 20.50 -37.20
C GLY A 374 3.39 19.65 -37.83
N VAL A 375 4.52 19.53 -37.12
CA VAL A 375 5.61 18.70 -37.62
C VAL A 375 5.97 17.67 -36.54
N GLU A 376 6.82 16.70 -36.85
CA GLU A 376 7.18 15.67 -35.87
C GLU A 376 7.79 16.31 -34.65
N ASN A 377 7.75 15.66 -33.50
CA ASN A 377 8.35 16.27 -32.32
C ASN A 377 9.73 15.62 -32.19
N LYS A 378 10.64 16.31 -31.51
CA LYS A 378 11.99 15.79 -31.30
C LYS A 378 12.11 15.26 -29.86
N PHE A 379 13.12 14.45 -29.57
CA PHE A 379 13.37 13.92 -28.22
C PHE A 379 14.83 14.09 -27.78
N VAL A 380 15.06 14.28 -26.48
CA VAL A 380 16.40 14.33 -25.95
C VAL A 380 16.84 12.88 -25.84
N PHE A 381 18.10 12.63 -25.51
CA PHE A 381 18.64 11.26 -25.39
C PHE A 381 18.31 10.35 -26.53
N ASN A 382 18.26 10.90 -27.72
CA ASN A 382 18.00 10.09 -28.91
C ASN A 382 16.68 9.34 -28.85
N GLY A 383 15.68 9.92 -28.20
CA GLY A 383 14.39 9.25 -28.10
C GLY A 383 14.39 7.91 -27.39
N GLU A 384 15.46 7.56 -26.69
CA GLU A 384 15.50 6.29 -25.98
C GLU A 384 14.81 6.46 -24.65
N PHE A 385 14.24 5.36 -24.15
CA PHE A 385 13.51 5.39 -22.88
C PHE A 385 14.48 5.24 -21.75
N LYS A 386 14.66 6.24 -20.91
CA LYS A 386 15.61 6.10 -19.83
C LYS A 386 15.04 5.18 -18.77
N ASP A 387 15.89 4.53 -18.00
CA ASP A 387 15.46 3.58 -16.93
C ASP A 387 14.94 4.25 -15.66
N LYS A 388 14.40 3.44 -14.74
CA LYS A 388 13.80 3.97 -13.51
C LYS A 388 14.63 4.86 -12.58
N SER A 389 15.92 4.58 -12.44
CA SER A 389 16.71 5.43 -11.57
C SER A 389 16.71 6.81 -12.17
N PHE A 390 16.92 6.88 -13.47
CA PHE A 390 16.91 8.18 -14.13
C PHE A 390 15.57 8.91 -13.96
N ALA A 391 14.47 8.16 -14.05
CA ALA A 391 13.13 8.74 -13.93
C ALA A 391 12.81 9.32 -12.53
N LYS A 393 14.76 10.33 -10.39
CA LYS A 393 15.65 11.48 -10.14
C LYS A 393 14.98 12.73 -10.71
N VAL A 394 14.45 12.59 -11.92
CA VAL A 394 13.74 13.66 -12.60
C VAL A 394 12.50 13.97 -11.76
N ILE A 395 11.84 12.92 -11.32
CA ILE A 395 10.66 13.10 -10.51
C ILE A 395 10.96 13.82 -9.24
N ASP A 396 12.12 13.59 -8.62
CA ASP A 396 12.45 14.31 -7.38
C ASP A 396 12.76 15.77 -7.59
N GLU A 397 13.46 16.05 -8.70
CA GLU A 397 13.79 17.42 -9.01
C GLU A 397 12.47 18.14 -9.21
N SER A 398 11.52 17.42 -9.77
CA SER A 398 10.23 18.01 -10.04
C SER A 398 9.48 18.18 -8.75
N HIS A 399 9.77 17.33 -7.80
CA HIS A 399 9.07 17.47 -6.55
C HIS A 399 9.71 18.67 -5.84
N TYR A 400 11.04 18.71 -5.89
CA TYR A 400 11.76 19.80 -5.29
C TYR A 400 11.23 21.17 -5.81
N TRP A 402 8.44 21.80 -7.20
CA TRP A 402 7.07 22.03 -6.75
C TRP A 402 7.13 22.54 -5.32
N GLY A 403 8.08 22.01 -4.56
CA GLY A 403 8.19 22.38 -3.17
C GLY A 403 8.58 23.84 -3.02
N ASN A 404 9.51 24.25 -3.87
CA ASN A 404 10.00 25.60 -3.77
C ASN A 404 8.98 26.56 -4.37
N LEU A 405 8.11 26.03 -5.21
CA LEU A 405 7.06 26.85 -5.78
C LEU A 405 6.09 27.18 -4.65
N ARG A 406 6.00 26.26 -3.70
CA ARG A 406 5.13 26.49 -2.57
C ARG A 406 5.72 27.53 -1.68
N LYS A 407 6.98 27.34 -1.29
CA LYS A 407 7.67 28.28 -0.40
C LYS A 407 7.46 29.74 -0.80
N ILE A 408 7.91 30.07 -2.01
CA ILE A 408 7.79 31.44 -2.52
C ILE A 408 6.42 32.07 -2.33
N ASN A 409 5.38 31.38 -2.81
CA ASN A 409 4.04 31.90 -2.72
C ASN A 409 3.45 31.70 -1.32
N LYS A 410 3.51 30.46 -0.81
CA LYS A 410 2.99 30.11 0.52
C LYS A 410 3.55 30.97 1.64
N LYS A 411 4.74 31.56 1.44
CA LYS A 411 5.33 32.40 2.48
C LYS A 411 5.17 33.90 2.21
N GLU A 412 5.58 34.37 1.03
CA GLU A 412 5.48 35.81 0.68
C GLU A 412 4.07 36.40 0.94
N GLU A 413 3.06 35.90 0.22
CA GLU A 413 1.71 36.40 0.46
C GLU A 413 1.46 36.33 1.99
N VAL A 414 1.80 35.20 2.64
CA VAL A 414 1.60 35.04 4.10
C VAL A 414 2.66 35.78 4.93
N ALA B 32 -25.03 13.48 -24.01
CA ALA B 32 -24.36 14.58 -24.76
C ALA B 32 -23.80 14.04 -26.07
N ASN B 33 -24.48 13.04 -26.63
CA ASN B 33 -24.03 12.41 -27.87
C ASN B 33 -24.49 13.07 -29.20
N SER B 34 -25.35 14.10 -29.15
CA SER B 34 -25.84 14.75 -30.38
C SER B 34 -25.18 16.08 -30.71
N TYR B 35 -25.62 17.14 -30.07
CA TYR B 35 -24.98 18.44 -30.31
C TYR B 35 -24.30 19.00 -29.07
N ILE B 36 -23.34 19.88 -29.29
CA ILE B 36 -22.61 20.44 -28.17
C ILE B 36 -23.43 21.41 -27.33
N GLY B 37 -23.58 21.06 -26.05
CA GLY B 37 -24.34 21.85 -25.11
C GLY B 37 -23.55 22.95 -24.44
N THR B 38 -24.29 23.90 -23.86
CA THR B 38 -23.75 25.08 -23.15
C THR B 38 -23.25 24.86 -21.73
N GLY B 39 -23.81 23.84 -21.06
CA GLY B 39 -23.41 23.56 -19.69
C GLY B 39 -24.37 24.15 -18.68
N LEU B 40 -25.50 24.62 -19.19
CA LEU B 40 -26.55 25.22 -18.40
C LEU B 40 -27.87 24.54 -18.81
N ASP B 41 -28.83 24.50 -17.89
CA ASP B 41 -30.16 23.87 -18.10
C ASP B 41 -30.91 24.45 -19.32
N THR B 42 -31.07 23.63 -20.36
CA THR B 42 -31.75 24.06 -21.60
C THR B 42 -32.91 23.14 -22.08
N SER B 43 -33.08 23.06 -23.40
CA SER B 43 -34.13 22.23 -24.04
C SER B 43 -33.70 21.83 -25.47
N LEU B 44 -34.07 20.62 -25.90
CA LEU B 44 -33.71 20.13 -27.25
C LEU B 44 -34.47 20.90 -28.33
N GLU B 45 -35.54 20.29 -28.83
CA GLU B 45 -36.46 20.83 -29.86
C GLU B 45 -36.11 22.09 -30.70
N ASN B 46 -36.04 23.27 -30.07
CA ASN B 46 -35.78 24.54 -30.77
C ASN B 46 -34.34 24.94 -31.18
N VAL B 47 -33.38 24.04 -31.02
CA VAL B 47 -31.99 24.37 -31.39
C VAL B 47 -31.58 23.72 -32.71
N LYS B 48 -31.15 24.52 -33.68
CA LYS B 48 -30.75 23.99 -34.98
C LYS B 48 -29.30 23.49 -35.06
N PRO B 49 -29.12 22.18 -35.35
CA PRO B 49 -27.76 21.64 -35.46
C PRO B 49 -27.04 22.40 -36.57
N LEU B 50 -25.81 22.84 -36.29
CA LEU B 50 -24.99 23.60 -37.22
C LEU B 50 -25.05 22.99 -38.63
N PRO B 51 -25.25 23.81 -39.67
CA PRO B 51 -25.33 23.36 -41.07
C PRO B 51 -24.35 22.31 -41.63
N GLU B 52 -23.11 22.28 -41.16
CA GLU B 52 -22.14 21.29 -41.67
C GLU B 52 -22.55 19.86 -41.31
N ALA B 53 -23.30 19.75 -40.20
CA ALA B 53 -23.79 18.45 -39.69
C ALA B 53 -24.99 17.92 -40.49
N CYS B 54 -26.06 18.72 -40.51
CA CYS B 54 -27.30 18.38 -41.23
C CYS B 54 -27.08 17.92 -42.68
N LYS B 55 -26.33 18.72 -43.45
CA LYS B 55 -26.00 18.41 -44.86
C LYS B 55 -25.37 17.02 -45.03
N ARG B 56 -24.41 16.72 -44.16
CA ARG B 56 -23.69 15.45 -44.22
C ARG B 56 -24.33 14.21 -43.53
N ASN B 57 -25.21 14.42 -42.53
CA ASN B 57 -25.87 13.34 -41.79
C ASN B 57 -25.13 12.90 -40.51
N VAL B 58 -24.09 13.63 -40.11
CA VAL B 58 -23.31 13.30 -38.93
C VAL B 58 -23.65 14.24 -37.79
N THR B 59 -24.05 13.74 -36.62
CA THR B 59 -24.36 14.62 -35.49
C THR B 59 -23.24 15.64 -35.35
N GLU B 60 -23.53 16.78 -34.73
CA GLU B 60 -22.46 17.71 -34.65
C GLU B 60 -21.40 17.20 -33.68
N PHE B 61 -21.81 16.57 -32.59
CA PHE B 61 -20.83 16.00 -31.69
C PHE B 61 -19.84 15.12 -32.46
N ASP B 62 -20.32 14.26 -33.35
CA ASP B 62 -19.40 13.43 -34.11
C ASP B 62 -18.47 14.26 -35.05
N LEU B 63 -18.97 15.40 -35.52
CA LEU B 63 -18.15 16.22 -36.37
C LEU B 63 -17.06 16.86 -35.58
N VAL B 64 -17.43 17.32 -34.42
CA VAL B 64 -16.43 17.96 -33.59
C VAL B 64 -15.41 16.96 -33.11
N ALA B 65 -15.86 15.76 -32.75
CA ALA B 65 -14.90 14.82 -32.21
C ALA B 65 -14.11 13.98 -33.19
N TYR B 66 -14.67 13.67 -34.33
CA TYR B 66 -13.96 12.81 -35.23
C TYR B 66 -13.77 13.29 -36.65
N GLY B 67 -14.33 14.43 -37.01
CA GLY B 67 -14.16 14.93 -38.36
C GLY B 67 -12.94 15.79 -38.41
N LYS B 68 -12.53 16.19 -39.61
CA LYS B 68 -11.35 17.05 -39.77
C LYS B 68 -11.62 18.42 -39.15
N ASP B 69 -10.58 19.02 -38.57
CA ASP B 69 -10.74 20.32 -37.92
C ASP B 69 -11.45 21.40 -38.80
N GLU B 70 -11.68 21.09 -40.10
CA GLU B 70 -12.36 22.02 -41.02
C GLU B 70 -13.66 22.55 -40.41
N PHE B 71 -14.29 21.73 -39.58
CA PHE B 71 -15.53 22.09 -38.88
C PHE B 71 -15.02 22.72 -37.60
N THR B 72 -14.07 23.60 -37.89
CA THR B 72 -13.35 24.41 -36.95
C THR B 72 -14.20 25.62 -36.58
N LEU B 73 -13.83 26.79 -37.13
CA LEU B 73 -14.50 28.06 -36.87
C LEU B 73 -16.02 28.04 -37.08
N SER B 74 -16.52 27.08 -37.84
CA SER B 74 -17.94 26.98 -38.05
C SER B 74 -18.74 26.47 -36.87
N GLU B 76 -17.96 26.34 -33.93
CA GLU B 76 -17.70 27.19 -32.77
C GLU B 76 -18.71 28.35 -32.82
N LYS B 77 -18.93 28.91 -34.03
CA LYS B 77 -19.89 30.00 -34.17
C LYS B 77 -21.26 29.51 -33.75
N ARG B 78 -21.67 28.37 -34.28
CA ARG B 78 -22.98 27.88 -33.90
C ARG B 78 -23.17 27.56 -32.45
N VAL B 79 -22.12 27.11 -31.77
CA VAL B 79 -22.24 26.78 -30.35
C VAL B 79 -22.25 28.02 -29.48
N ALA B 81 -23.24 30.80 -30.34
CA ALA B 81 -24.41 31.55 -30.75
C ALA B 81 -25.46 31.12 -29.75
N ARG B 82 -25.79 29.83 -29.78
CA ARG B 82 -26.79 29.26 -28.90
C ARG B 82 -26.48 29.61 -27.46
N PHE B 84 -25.00 32.35 -26.61
CA PHE B 84 -25.37 33.78 -26.53
C PHE B 84 -26.88 33.92 -26.32
N SER B 85 -27.64 33.15 -27.09
CA SER B 85 -29.09 33.15 -26.99
C SER B 85 -29.57 32.65 -25.64
N ALA B 86 -28.75 31.81 -25.00
CA ALA B 86 -29.09 31.30 -23.69
C ALA B 86 -29.08 32.49 -22.72
N PHE B 87 -27.97 33.21 -22.65
CA PHE B 87 -27.87 34.38 -21.79
C PHE B 87 -28.92 35.46 -22.10
N ASP B 88 -29.40 35.48 -23.34
CA ASP B 88 -30.41 36.42 -23.85
C ASP B 88 -31.73 35.76 -23.49
N VAL B 89 -31.90 35.60 -22.17
CA VAL B 89 -33.06 34.93 -21.58
C VAL B 89 -34.40 35.62 -21.77
N THR B 90 -34.37 36.95 -21.80
CA THR B 90 -35.56 37.77 -22.02
C THR B 90 -35.74 37.89 -23.53
N GLN B 91 -35.04 37.01 -24.25
CA GLN B 91 -35.07 36.92 -25.70
C GLN B 91 -35.29 38.25 -26.45
N LEU B 92 -34.33 39.17 -26.34
CA LEU B 92 -34.43 40.48 -27.01
C LEU B 92 -33.49 40.72 -28.21
N GLY B 93 -32.52 39.83 -28.44
CA GLY B 93 -31.64 40.00 -29.58
C GLY B 93 -30.30 40.65 -29.30
N TYR B 94 -30.00 40.88 -28.04
CA TYR B 94 -28.75 41.48 -27.66
C TYR B 94 -28.54 41.33 -26.16
N LEU B 95 -27.35 41.65 -25.70
CA LEU B 95 -27.07 41.55 -24.28
C LEU B 95 -26.35 42.78 -23.72
N GLU B 96 -26.54 43.00 -22.42
CA GLU B 96 -25.92 44.12 -21.73
C GLU B 96 -24.51 43.74 -21.33
N GLU B 97 -23.64 44.75 -21.30
CA GLU B 97 -22.23 44.60 -20.96
C GLU B 97 -21.85 43.84 -19.68
N ARG B 98 -22.80 43.48 -18.82
CA ARG B 98 -22.39 42.72 -17.63
C ARG B 98 -22.67 41.21 -17.89
N LYS B 99 -23.48 40.96 -18.92
CA LYS B 99 -23.81 39.61 -19.32
C LYS B 99 -22.64 39.21 -20.21
N ILE B 100 -22.47 39.92 -21.33
CA ILE B 100 -21.38 39.66 -22.26
C ILE B 100 -20.05 39.37 -21.53
N GLU B 101 -19.84 39.98 -20.37
CA GLU B 101 -18.60 39.73 -19.66
C GLU B 101 -18.72 38.52 -18.73
N HIS B 102 -19.92 38.08 -18.39
CA HIS B 102 -19.97 36.89 -17.57
C HIS B 102 -19.77 35.72 -18.53
N CYS B 104 -17.97 35.69 -21.38
CA CYS B 104 -16.56 35.57 -21.69
C CYS B 104 -15.83 34.84 -20.56
N LYS B 105 -16.24 35.08 -19.33
CA LYS B 105 -15.62 34.41 -18.20
C LYS B 105 -15.90 32.92 -18.40
N TYR B 106 -17.19 32.61 -18.59
CA TYR B 106 -17.69 31.25 -18.78
C TYR B 106 -17.00 30.54 -19.96
N LEU B 107 -16.78 31.26 -21.06
CA LEU B 107 -16.09 30.65 -22.16
C LEU B 107 -14.61 30.62 -21.80
N GLY B 108 -14.33 30.86 -20.53
CA GLY B 108 -12.97 30.80 -20.04
C GLY B 108 -11.94 31.88 -20.26
N ARG B 109 -12.30 32.99 -20.88
CA ARG B 109 -11.32 34.05 -21.05
C ARG B 109 -10.99 34.61 -19.68
N VAL B 110 -9.71 34.90 -19.44
CA VAL B 110 -9.26 35.46 -18.16
C VAL B 110 -9.24 37.01 -18.26
N ASN B 112 -9.38 40.77 -16.54
CA ASN B 112 -9.18 41.58 -15.34
C ASN B 112 -9.90 42.91 -15.60
N GLU B 113 -10.07 43.72 -14.55
CA GLU B 113 -10.76 45.01 -14.69
C GLU B 113 -10.38 45.68 -16.02
N ASP B 114 -9.09 45.59 -16.33
CA ASP B 114 -8.48 46.14 -17.53
C ASP B 114 -9.16 45.73 -18.82
N ASP B 115 -9.00 44.46 -19.13
CA ASP B 115 -9.52 43.86 -20.34
C ASP B 115 -11.01 44.07 -20.63
N VAL B 116 -11.81 44.27 -19.58
CA VAL B 116 -13.24 44.51 -19.78
C VAL B 116 -13.38 45.90 -20.40
N LYS B 117 -12.54 46.81 -19.91
CA LYS B 117 -12.49 48.17 -20.39
C LYS B 117 -12.35 48.13 -21.91
N GLN B 118 -11.30 47.43 -22.37
CA GLN B 118 -11.04 47.28 -23.81
C GLN B 118 -12.25 46.83 -24.65
N LYS B 120 -15.60 46.91 -24.25
CA LYS B 120 -16.56 47.95 -24.54
C LYS B 120 -15.92 48.89 -25.55
N SER B 121 -14.74 49.41 -25.22
CA SER B 121 -14.06 50.33 -26.12
C SER B 121 -14.01 49.77 -27.54
N GLU B 122 -13.60 48.52 -27.67
CA GLU B 122 -13.51 47.89 -28.99
C GLU B 122 -14.91 47.72 -29.55
N ILE B 123 -15.79 47.08 -28.79
CA ILE B 123 -17.15 46.86 -29.24
C ILE B 123 -17.85 48.20 -29.39
N ASN B 124 -17.81 48.75 -30.61
CA ASN B 124 -18.43 50.04 -30.93
C ASN B 124 -19.93 49.99 -30.63
N ALA B 125 -20.31 50.46 -29.45
CA ALA B 125 -21.71 50.47 -29.03
C ALA B 125 -21.87 51.40 -27.81
N ILE B 126 -22.31 52.63 -28.06
CA ILE B 126 -22.49 53.64 -27.01
C ILE B 126 -23.80 53.51 -26.20
N ASP B 127 -24.63 52.53 -26.60
CA ASP B 127 -25.92 52.22 -25.96
C ASP B 127 -25.75 51.01 -25.03
N GLY B 128 -24.73 50.18 -25.33
CA GLY B 128 -24.42 49.00 -24.53
C GLY B 128 -25.07 47.71 -25.01
N HIS B 129 -25.95 47.81 -25.99
CA HIS B 129 -26.64 46.66 -26.54
C HIS B 129 -25.77 46.02 -27.61
N ILE B 130 -25.19 44.87 -27.26
CA ILE B 130 -24.29 44.15 -28.16
C ILE B 130 -24.88 42.92 -28.84
N THR B 131 -25.07 43.00 -30.15
CA THR B 131 -25.60 41.88 -30.94
C THR B 131 -24.57 40.77 -30.92
N PHE B 132 -24.94 39.62 -31.45
CA PHE B 132 -24.00 38.51 -31.49
C PHE B 132 -22.93 38.78 -32.55
N GLU B 133 -23.35 39.26 -33.72
CA GLU B 133 -22.43 39.55 -34.81
C GLU B 133 -21.39 40.53 -34.35
N LYS B 134 -21.79 41.49 -33.52
CA LYS B 134 -20.82 42.45 -32.99
C LYS B 134 -19.89 41.68 -32.07
N PHE B 135 -20.49 40.85 -31.23
CA PHE B 135 -19.73 40.06 -30.27
C PHE B 135 -18.78 39.09 -30.97
N TRP B 136 -19.33 38.23 -31.82
CA TRP B 136 -18.58 37.24 -32.58
C TRP B 136 -17.39 37.83 -33.33
N ALA B 137 -17.66 38.91 -34.07
CA ALA B 137 -16.60 39.54 -34.83
C ALA B 137 -15.53 40.04 -33.86
N TRP B 138 -15.92 40.49 -32.67
CA TRP B 138 -14.94 40.95 -31.70
C TRP B 138 -14.28 39.75 -31.01
N TRP B 139 -15.02 38.65 -30.91
CA TRP B 139 -14.47 37.48 -30.26
C TRP B 139 -13.43 36.93 -31.21
N CYS B 140 -13.83 36.81 -32.46
CA CYS B 140 -12.93 36.31 -33.48
C CYS B 140 -11.85 37.35 -33.75
N SER B 141 -11.99 38.52 -33.11
CA SER B 141 -11.02 39.62 -33.20
C SER B 141 -9.83 39.05 -32.42
N HIS B 142 -9.17 39.78 -31.54
CA HIS B 142 -8.03 39.12 -30.87
C HIS B 142 -8.43 37.94 -29.97
N PRO B 143 -7.48 37.03 -29.70
CA PRO B 143 -7.78 35.87 -28.84
C PRO B 143 -7.11 36.07 -27.50
N GLU B 144 -7.64 37.03 -26.74
CA GLU B 144 -7.18 37.44 -25.39
C GLU B 144 -5.74 37.27 -24.88
N VAL B 145 -5.22 38.39 -24.38
CA VAL B 145 -3.89 38.58 -23.80
C VAL B 145 -3.33 37.36 -23.04
N PRO B 146 -2.69 36.41 -23.77
CA PRO B 146 -2.12 35.18 -23.20
C PRO B 146 -0.83 35.29 -22.36
N ALA B 147 -0.12 36.40 -22.51
CA ALA B 147 1.14 36.62 -21.78
C ALA B 147 1.01 36.62 -20.25
N LYS B 148 1.18 37.81 -19.65
CA LYS B 148 1.07 38.03 -18.20
C LYS B 148 2.04 37.19 -17.35
N LYS B 149 1.78 37.20 -16.04
CA LYS B 149 2.58 36.45 -15.06
C LYS B 149 2.10 34.99 -15.01
N ASP B 150 0.94 34.71 -15.61
CA ASP B 150 0.35 33.36 -15.63
C ASP B 150 0.22 32.81 -14.20
N PHE B 151 -1.01 32.84 -13.73
CA PHE B 151 -1.38 32.48 -12.37
C PHE B 151 -1.53 31.00 -12.01
N PHE B 152 -1.21 30.67 -10.76
CA PHE B 152 -1.34 29.29 -10.28
C PHE B 152 -1.97 29.30 -8.91
N SER B 153 -3.16 28.70 -8.78
CA SER B 153 -3.80 28.62 -7.46
C SER B 153 -2.98 27.72 -6.55
N VAL B 155 -3.98 27.32 -3.27
CA VAL B 155 -4.83 26.86 -2.18
C VAL B 155 -4.70 25.33 -2.04
N SER B 156 -4.26 24.87 -0.88
CA SER B 156 -4.09 23.46 -0.66
C SER B 156 -4.70 23.29 0.69
N VAL B 157 -5.12 22.08 1.05
CA VAL B 157 -5.72 21.93 2.36
C VAL B 157 -4.51 21.64 3.18
N ASP B 158 -4.58 21.59 4.48
CA ASP B 158 -3.34 21.17 5.04
C ASP B 158 -3.43 19.90 5.83
N PHE B 159 -2.40 19.10 5.66
CA PHE B 159 -2.35 17.84 6.35
C PHE B 159 -1.08 17.04 6.11
N ALA B 160 0.05 17.53 6.61
CA ALA B 160 1.26 16.74 6.47
C ALA B 160 1.30 16.02 7.81
N VAL B 161 2.22 15.11 7.95
CA VAL B 161 2.34 14.43 9.21
C VAL B 161 3.85 14.41 9.49
N PRO B 162 4.26 14.95 10.64
CA PRO B 162 5.68 14.97 10.95
C PRO B 162 6.39 13.64 11.12
N TYR B 163 5.65 12.51 11.21
CA TYR B 163 6.30 11.21 11.46
C TYR B 163 7.24 10.67 10.37
N HIS B 164 8.41 10.16 10.77
CA HIS B 164 9.36 9.60 9.80
C HIS B 164 8.97 8.14 9.54
N GLN B 165 9.02 7.76 8.27
CA GLN B 165 8.71 6.41 7.85
C GLN B 165 9.81 5.49 8.42
N GLN B 166 9.46 4.26 8.81
CA GLN B 166 10.44 3.32 9.36
C GLN B 166 10.50 2.13 8.42
N GLN B 167 11.64 1.50 8.27
CA GLN B 167 11.71 0.33 7.39
C GLN B 167 11.88 -0.86 8.32
N LEU B 168 10.98 -1.81 8.25
CA LEU B 168 11.12 -2.92 9.15
C LEU B 168 12.33 -3.75 8.78
N LEU B 169 13.16 -4.14 9.75
CA LEU B 169 14.30 -5.03 9.50
C LEU B 169 14.18 -6.25 10.43
N THR B 170 14.48 -7.45 9.91
CA THR B 170 14.47 -8.63 10.78
C THR B 170 15.86 -9.21 10.76
N ARG B 171 16.35 -9.70 11.90
CA ARG B 171 17.68 -10.31 11.94
C ARG B 171 17.65 -11.59 12.72
N GLU B 172 18.26 -12.62 12.19
CA GLU B 172 18.38 -13.88 12.85
C GLU B 172 19.70 -13.80 13.67
N THR B 173 19.76 -14.46 14.81
CA THR B 173 20.97 -14.52 15.63
C THR B 173 20.90 -15.87 16.28
N GLY B 174 22.02 -16.40 16.68
CA GLY B 174 21.98 -17.70 17.31
C GLY B 174 22.07 -18.83 16.29
N GLU B 175 21.77 -20.04 16.73
CA GLU B 175 21.88 -21.19 15.91
C GLU B 175 20.56 -21.90 15.91
N LEU B 176 20.09 -22.19 14.70
CA LEU B 176 18.82 -22.83 14.38
C LEU B 176 18.64 -24.19 14.99
N TYR B 177 17.57 -24.38 15.74
CA TYR B 177 17.30 -25.65 16.42
C TYR B 177 18.03 -25.79 17.74
N THR B 178 18.42 -24.67 18.34
CA THR B 178 19.11 -24.71 19.63
C THR B 178 18.45 -23.59 20.35
N PRO B 179 18.59 -23.56 21.65
CA PRO B 179 17.90 -22.42 22.25
C PRO B 179 18.49 -21.06 22.00
N SER B 180 19.51 -20.91 21.17
CA SER B 180 20.04 -19.53 21.00
C SER B 180 19.41 -18.78 19.84
N TYR B 181 18.67 -19.49 19.03
CA TYR B 181 18.03 -18.93 17.88
C TYR B 181 16.90 -17.89 18.18
N ARG B 182 17.02 -16.71 17.63
CA ARG B 182 15.97 -15.74 17.81
C ARG B 182 15.93 -15.01 16.49
N VAL B 183 14.75 -14.56 16.09
CA VAL B 183 14.62 -13.69 14.94
C VAL B 183 14.33 -12.32 15.58
N LEU B 184 15.27 -11.37 15.51
CA LEU B 184 15.02 -10.01 16.10
C LEU B 184 14.39 -8.92 15.09
N TYR B 185 13.68 -7.93 15.61
CA TYR B 185 13.10 -6.90 14.76
C TYR B 185 13.66 -5.52 15.04
N TYR B 186 13.76 -4.72 13.99
CA TYR B 186 14.27 -3.36 14.13
C TYR B 186 13.49 -2.39 13.24
N PHE B 187 13.60 -1.10 13.53
CA PHE B 187 13.01 -0.07 12.66
C PHE B 187 14.20 0.75 12.20
N ARG B 188 14.31 0.99 10.90
CA ARG B 188 15.35 1.83 10.37
C ARG B 188 14.57 3.08 10.01
N ASP B 189 14.93 4.17 10.65
CA ASP B 189 14.32 5.46 10.37
C ASP B 189 14.76 5.80 8.93
N GLU B 191 14.59 8.40 7.59
CA GLU B 191 14.95 9.81 7.67
C GLU B 191 16.41 9.88 8.17
N THR B 192 16.61 9.53 9.42
CA THR B 192 17.90 9.59 10.01
C THR B 192 18.75 8.35 9.72
N GLY B 193 18.14 7.22 9.43
CA GLY B 193 18.94 6.03 9.19
C GLY B 193 19.39 5.45 10.53
N LYS B 194 18.71 5.85 11.60
CA LYS B 194 19.01 5.36 12.93
C LYS B 194 18.15 4.08 13.12
N GLU B 195 18.69 3.08 13.81
CA GLU B 195 17.96 1.84 14.00
C GLU B 195 17.58 1.61 15.44
N LEU B 196 16.44 0.95 15.66
CA LEU B 196 15.95 0.63 17.00
C LEU B 196 15.38 -0.77 17.03
N GLN B 197 15.52 -1.44 18.17
CA GLN B 197 14.95 -2.76 18.31
C GLN B 197 13.49 -2.54 18.63
N VAL B 198 12.60 -3.30 17.99
CA VAL B 198 11.19 -3.09 18.25
C VAL B 198 10.53 -4.39 18.55
N SER B 199 9.29 -4.32 18.97
CA SER B 199 8.57 -5.54 19.26
C SER B 199 7.67 -5.82 18.08
N PRO B 200 7.75 -7.03 17.52
CA PRO B 200 6.91 -7.37 16.37
C PRO B 200 5.42 -7.41 16.77
N TRP B 201 5.20 -7.73 18.05
CA TRP B 201 3.88 -7.85 18.60
C TRP B 201 3.26 -6.50 18.83
N HIS B 202 3.98 -5.64 19.54
CA HIS B 202 3.51 -4.33 19.90
C HIS B 202 3.80 -3.21 18.91
N ASP B 203 4.86 -3.31 18.11
CA ASP B 203 5.16 -2.20 17.29
C ASP B 203 4.85 -2.26 15.82
N ILE B 204 4.69 -3.46 15.27
CA ILE B 204 4.29 -3.58 13.90
C ILE B 204 2.76 -3.30 13.91
N PRO B 205 2.35 -2.30 13.12
CA PRO B 205 0.92 -1.99 13.09
C PRO B 205 0.08 -3.18 12.69
N LEU B 206 -1.13 -3.29 13.26
CA LEU B 206 -2.03 -4.34 12.86
C LEU B 206 -2.74 -3.95 11.55
N TYR B 207 -3.22 -2.72 11.47
CA TYR B 207 -3.88 -2.25 10.25
C TYR B 207 -2.83 -1.55 9.41
N VAL B 208 -2.84 -1.80 8.10
CA VAL B 208 -1.87 -1.17 7.24
C VAL B 208 -2.68 -0.02 6.67
N ARG B 209 -2.40 1.16 7.19
CA ARG B 209 -3.14 2.32 6.83
C ARG B 209 -2.41 3.31 5.94
N ASP B 210 -3.08 3.77 4.90
CA ASP B 210 -2.46 4.79 4.05
C ASP B 210 -2.81 6.14 4.67
N LEU B 211 -1.85 7.06 4.62
CA LEU B 211 -2.07 8.40 5.12
C LEU B 211 -3.18 8.94 4.23
N VAL B 212 -3.12 8.66 2.93
CA VAL B 212 -4.22 9.10 2.08
C VAL B 212 -4.63 7.96 1.18
N ARG B 213 -5.70 7.29 1.60
CA ARG B 213 -6.20 6.12 0.90
C ARG B 213 -6.78 6.49 -0.43
N THR B 214 -6.24 5.92 -1.52
CA THR B 214 -6.79 6.29 -2.81
C THR B 214 -7.74 5.29 -3.40
N LYS B 215 -7.65 4.04 -2.96
CA LYS B 215 -8.55 3.04 -3.51
C LYS B 215 -9.99 3.51 -3.34
N PRO B 216 -10.91 2.98 -4.13
CA PRO B 216 -12.31 3.42 -4.02
C PRO B 216 -12.83 3.55 -2.60
N ALA B 217 -13.64 4.56 -2.35
CA ALA B 217 -14.25 4.70 -1.03
C ALA B 217 -15.14 3.48 -0.90
N SER B 218 -15.74 3.15 -2.05
CA SER B 218 -16.64 2.04 -2.17
C SER B 218 -16.01 0.74 -1.78
N LEU B 219 -14.68 0.69 -1.69
CA LEU B 219 -13.99 -0.56 -1.35
C LEU B 219 -13.59 -0.62 0.13
N PRO B 220 -14.24 -1.49 0.91
CA PRO B 220 -13.81 -1.50 2.31
C PRO B 220 -12.34 -1.81 2.50
N ASN B 222 -9.21 -3.45 3.88
CA ASN B 222 -8.87 -4.80 4.26
C ASN B 222 -7.36 -5.03 3.96
N ARG B 223 -6.55 -4.72 4.96
CA ARG B 223 -5.12 -4.82 4.81
C ARG B 223 -4.45 -4.89 6.20
N TYR B 224 -3.96 -6.07 6.56
CA TYR B 224 -3.37 -6.25 7.89
C TYR B 224 -1.96 -6.75 7.79
N ASN B 225 -1.19 -6.63 8.85
CA ASN B 225 0.13 -7.20 8.82
C ASN B 225 0.02 -8.63 9.38
N PHE B 226 0.90 -9.49 8.89
CA PHE B 226 0.90 -10.89 9.27
C PHE B 226 2.36 -11.29 9.56
N ILE B 227 2.58 -12.01 10.67
CA ILE B 227 3.92 -12.46 11.02
C ILE B 227 3.98 -13.97 10.88
N CYS B 228 4.76 -14.46 9.93
CA CYS B 228 4.86 -15.87 9.81
C CYS B 228 5.68 -16.41 10.99
N GLU B 229 5.24 -17.49 11.64
CA GLU B 229 6.02 -18.09 12.71
C GLU B 229 6.47 -19.44 12.18
N ILE B 230 5.57 -20.06 11.40
CA ILE B 230 5.84 -21.35 10.87
C ILE B 230 5.64 -21.38 9.42
N PRO B 231 6.74 -21.46 8.71
CA PRO B 231 6.65 -21.49 7.25
C PRO B 231 5.92 -22.66 6.63
N LYS B 232 5.30 -22.35 5.51
CA LYS B 232 4.59 -23.27 4.66
C LYS B 232 5.54 -24.45 4.33
N TRP B 233 5.02 -25.66 4.45
CA TRP B 233 5.78 -26.89 4.14
C TRP B 233 6.78 -27.28 5.21
N THR B 234 6.78 -26.59 6.33
CA THR B 234 7.71 -27.02 7.37
C THR B 234 6.91 -27.54 8.61
N ARG B 235 7.62 -28.09 9.60
CA ARG B 235 6.95 -28.56 10.79
C ARG B 235 7.59 -28.18 12.11
N ALA B 236 8.64 -27.35 12.11
CA ALA B 236 9.34 -26.94 13.37
C ALA B 236 8.61 -25.81 14.06
N LYS B 237 8.35 -25.96 15.35
CA LYS B 237 7.63 -24.93 16.09
C LYS B 237 8.35 -23.63 16.41
N PHE B 238 7.78 -22.51 15.99
CA PHE B 238 8.36 -21.24 16.33
C PHE B 238 7.20 -20.43 16.92
N GLU B 239 7.55 -19.45 17.75
CA GLU B 239 6.52 -18.59 18.35
C GLU B 239 7.06 -17.23 18.77
N ILE B 240 6.17 -16.25 18.81
CA ILE B 240 6.56 -14.94 19.31
C ILE B 240 6.85 -15.19 20.80
N ALA B 241 7.99 -14.77 21.33
CA ALA B 241 8.22 -15.02 22.78
C ALA B 241 7.49 -13.95 23.56
N THR B 242 6.23 -14.15 23.89
CA THR B 242 5.49 -13.11 24.62
C THR B 242 6.11 -12.65 25.99
N GLY B 243 6.84 -13.53 26.65
CA GLY B 243 7.45 -13.15 27.88
C GLY B 243 8.83 -12.53 27.70
N GLU B 244 9.43 -12.56 26.53
CA GLU B 244 10.76 -11.96 26.40
C GLU B 244 10.75 -10.50 25.90
N PRO B 245 11.70 -9.66 26.38
CA PRO B 245 11.74 -8.25 25.96
C PRO B 245 11.95 -8.10 24.49
N PHE B 246 11.11 -7.28 23.85
CA PHE B 246 11.15 -7.05 22.40
C PHE B 246 10.54 -8.24 21.64
N ASN B 247 9.93 -9.19 22.38
CA ASN B 247 9.23 -10.35 21.84
C ASN B 247 9.78 -10.98 20.58
N PRO B 248 11.07 -11.27 20.56
CA PRO B 248 11.60 -11.89 19.34
C PRO B 248 10.86 -13.19 19.08
N ILE B 249 11.23 -13.85 17.98
CA ILE B 249 10.65 -15.12 17.60
C ILE B 249 11.60 -16.20 18.11
N LYS B 250 11.10 -17.19 18.82
CA LYS B 250 11.99 -18.26 19.28
C LYS B 250 11.51 -19.61 18.85
N GLN B 251 12.40 -20.57 18.86
CA GLN B 251 11.93 -21.91 18.54
C GLN B 251 11.45 -22.58 19.82
N ASP B 252 10.38 -23.35 19.76
CA ASP B 252 9.94 -24.03 20.95
C ASP B 252 10.91 -25.18 21.24
N ILE B 253 11.58 -25.08 22.36
CA ILE B 253 12.53 -26.09 22.74
C ILE B 253 12.15 -26.36 24.17
N LYS B 254 12.06 -27.63 24.52
CA LYS B 254 11.69 -28.06 25.86
C LYS B 254 12.77 -29.08 26.29
N ASN B 255 13.49 -28.77 27.37
CA ASN B 255 14.54 -29.67 27.86
C ASN B 255 15.69 -29.79 26.87
N GLY B 256 15.96 -28.69 26.18
CA GLY B 256 17.04 -28.65 25.21
C GLY B 256 16.75 -29.29 23.89
N VAL B 257 15.59 -29.95 23.74
CA VAL B 257 15.22 -30.62 22.49
C VAL B 257 14.19 -29.81 21.71
N PRO B 258 14.49 -29.43 20.47
CA PRO B 258 13.51 -28.64 19.70
C PRO B 258 12.20 -29.38 19.44
N ARG B 259 11.10 -28.66 19.32
CA ARG B 259 9.81 -29.30 19.11
C ARG B 259 9.30 -29.12 17.68
N PHE B 260 8.67 -30.19 17.19
CA PHE B 260 8.06 -30.29 15.86
C PHE B 260 6.66 -30.93 15.82
N TYR B 261 5.76 -30.33 15.03
CA TYR B 261 4.43 -30.94 14.79
C TYR B 261 4.69 -32.34 14.25
N LYS B 262 4.13 -33.37 14.88
CA LYS B 262 4.35 -34.76 14.43
C LYS B 262 3.33 -35.24 13.39
N HIS B 263 2.26 -34.48 13.28
CA HIS B 263 1.22 -34.84 12.37
C HIS B 263 1.63 -34.71 10.92
N GLY B 264 2.47 -33.72 10.63
CA GLY B 264 2.85 -33.49 9.26
C GLY B 264 3.23 -32.04 9.17
N ASP B 265 3.65 -31.62 8.01
CA ASP B 265 4.03 -30.25 7.79
C ASP B 265 2.82 -29.41 7.71
N TRP B 268 0.57 -24.28 4.79
CA TRP B 268 0.26 -22.85 4.64
C TRP B 268 1.14 -22.14 5.63
N ASN B 269 1.42 -20.87 5.39
CA ASN B 269 2.21 -20.12 6.37
C ASN B 269 1.29 -19.92 7.56
N TYR B 270 1.81 -20.23 8.72
CA TYR B 270 1.03 -20.12 9.88
C TYR B 270 1.63 -19.07 10.77
N GLY B 271 0.82 -18.19 11.34
CA GLY B 271 1.42 -17.17 12.18
C GLY B 271 0.48 -16.39 13.06
N ALA B 272 0.74 -15.11 13.19
CA ALA B 272 -0.02 -14.27 14.10
C ALA B 272 -0.29 -12.91 13.54
N LEU B 273 -1.32 -12.21 14.03
CA LEU B 273 -1.55 -10.82 13.60
C LEU B 273 -0.93 -9.95 14.75
N PRO B 274 -0.20 -8.88 14.44
CA PRO B 274 0.34 -8.12 15.59
C PRO B 274 -0.69 -7.24 16.30
N GLN B 275 -0.39 -6.78 17.51
CA GLN B 275 -1.27 -5.90 18.32
C GLN B 275 -2.63 -6.53 18.58
N THR B 276 -2.64 -7.81 18.92
CA THR B 276 -3.87 -8.49 19.20
C THR B 276 -3.61 -9.27 20.45
N TRP B 277 -4.68 -9.67 21.13
CA TRP B 277 -4.60 -10.44 22.37
C TRP B 277 -5.88 -11.18 22.68
N GLU B 278 -5.76 -12.49 22.77
CA GLU B 278 -6.90 -13.36 23.07
C GLU B 278 -6.87 -13.66 24.56
N SER B 279 -7.16 -12.62 25.34
CA SER B 279 -7.15 -12.70 26.80
C SER B 279 -7.95 -13.83 27.41
N THR B 280 -7.33 -14.47 28.39
CA THR B 280 -7.97 -15.56 29.10
C THR B 280 -9.11 -14.93 29.93
N ASP B 281 -9.07 -13.60 30.08
CA ASP B 281 -10.12 -12.84 30.79
C ASP B 281 -11.15 -12.47 29.73
N VAL B 282 -11.83 -13.46 29.16
CA VAL B 282 -12.86 -13.27 28.12
C VAL B 282 -13.38 -14.64 27.66
N VAL B 283 -14.70 -14.74 27.49
CA VAL B 283 -15.30 -16.02 27.10
C VAL B 283 -16.16 -15.89 25.84
N PHE B 284 -16.25 -16.96 25.05
CA PHE B 284 -17.11 -16.93 23.86
C PHE B 284 -18.45 -17.68 24.10
N GLU B 285 -19.53 -17.27 23.39
CA GLU B 285 -20.86 -17.85 23.52
C GLU B 285 -20.99 -19.07 24.45
N GLY B 286 -20.18 -20.11 24.25
CA GLY B 286 -20.21 -21.28 25.15
C GLY B 286 -19.51 -20.91 26.47
N GLY B 287 -18.40 -21.56 26.81
CA GLY B 287 -17.71 -21.16 28.03
C GLY B 287 -16.19 -21.11 27.87
N TYR B 288 -15.75 -20.87 26.63
CA TYR B 288 -14.33 -20.86 26.30
C TYR B 288 -13.69 -19.49 26.44
N VAL B 289 -12.51 -19.51 27.04
CA VAL B 289 -11.73 -18.30 27.28
C VAL B 289 -10.61 -18.17 26.25
N GLY B 290 -10.11 -16.94 26.09
CA GLY B 290 -9.01 -16.69 25.17
C GLY B 290 -7.81 -17.48 25.65
N ASP B 291 -6.80 -17.65 24.80
CA ASP B 291 -5.62 -18.43 25.17
C ASP B 291 -4.39 -17.64 25.54
N ASN B 292 -4.50 -16.32 25.65
CA ASN B 292 -3.34 -15.48 26.05
C ASN B 292 -2.22 -15.08 25.04
N ASP B 293 -2.35 -15.51 23.79
CA ASP B 293 -1.34 -15.17 22.79
C ASP B 293 -1.91 -14.24 21.76
N PRO B 294 -1.07 -13.73 20.87
CA PRO B 294 -1.74 -12.87 19.89
C PRO B 294 -2.64 -13.80 19.04
N ILE B 295 -3.58 -13.27 18.31
CA ILE B 295 -4.45 -14.17 17.57
C ILE B 295 -3.69 -14.87 16.44
N ASP B 296 -4.17 -16.06 16.10
CA ASP B 296 -3.53 -16.87 15.11
C ASP B 296 -4.00 -16.66 13.69
N ALA B 297 -3.10 -16.91 12.76
CA ALA B 297 -3.45 -16.75 11.39
C ALA B 297 -2.80 -17.77 10.47
N ILE B 298 -3.47 -17.97 9.34
CA ILE B 298 -3.07 -18.91 8.28
C ILE B 298 -3.12 -18.10 6.95
N GLU B 299 -1.96 -18.02 6.30
CA GLU B 299 -1.86 -17.27 5.06
C GLU B 299 -1.83 -18.34 3.95
N ILE B 300 -2.79 -18.30 3.03
CA ILE B 300 -2.89 -19.35 2.04
C ILE B 300 -2.33 -19.13 0.64
N GLY B 301 -1.44 -18.19 0.47
CA GLY B 301 -0.91 -18.00 -0.86
C GLY B 301 0.06 -19.11 -1.22
N THR B 303 3.16 -18.61 -2.10
CA THR B 303 4.52 -18.34 -1.58
C THR B 303 4.83 -18.61 -0.11
N GLN B 304 5.95 -19.28 0.15
CA GLN B 304 6.42 -19.58 1.50
C GLN B 304 7.07 -18.37 2.08
N PHE B 305 6.75 -18.06 3.32
CA PHE B 305 7.30 -16.93 4.06
C PHE B 305 8.41 -17.48 4.90
N LYS B 306 9.45 -16.71 5.14
CA LYS B 306 10.55 -17.18 5.99
C LYS B 306 10.12 -16.99 7.44
N VAL B 307 10.71 -17.74 8.39
CA VAL B 307 10.36 -17.60 9.81
C VAL B 307 10.43 -16.13 10.21
N GLY B 308 9.43 -15.63 10.93
CA GLY B 308 9.43 -14.23 11.33
C GLY B 308 9.12 -13.22 10.23
N GLN B 309 9.07 -13.65 8.97
CA GLN B 309 8.77 -12.70 7.89
C GLN B 309 7.44 -11.99 8.02
N VAL B 310 7.39 -10.69 7.74
CA VAL B 310 6.15 -9.92 7.90
C VAL B 310 5.61 -9.43 6.59
N GLY B 311 4.30 -9.46 6.43
CA GLY B 311 3.76 -9.01 5.19
C GLY B 311 2.29 -8.66 5.25
N ALA B 312 1.86 -7.76 4.37
CA ALA B 312 0.48 -7.37 4.31
C ALA B 312 -0.39 -8.51 3.75
N VAL B 313 -1.55 -8.74 4.34
CA VAL B 313 -2.46 -9.79 3.85
C VAL B 313 -3.89 -9.24 3.77
N LYS B 314 -4.77 -9.98 3.11
CA LYS B 314 -6.19 -9.61 3.10
C LYS B 314 -6.89 -10.73 3.98
N VAL B 315 -7.79 -10.35 4.85
CA VAL B 315 -8.48 -11.31 5.69
C VAL B 315 -9.64 -11.83 4.89
N LEU B 316 -9.88 -13.15 4.92
CA LEU B 316 -10.99 -13.77 4.16
C LEU B 316 -12.09 -14.39 4.99
N GLY B 317 -11.77 -14.72 6.23
CA GLY B 317 -12.73 -15.32 7.12
C GLY B 317 -11.98 -15.88 8.33
N ILE B 318 -12.67 -16.65 9.15
CA ILE B 318 -12.03 -17.18 10.32
C ILE B 318 -12.72 -18.50 10.68
N LEU B 319 -11.98 -19.35 11.38
CA LEU B 319 -12.42 -20.68 11.77
C LEU B 319 -12.23 -20.79 13.25
N GLY B 320 -13.31 -21.09 13.98
CA GLY B 320 -13.23 -21.20 15.42
C GLY B 320 -12.98 -22.58 15.99
N ILE B 322 -11.62 -25.04 19.32
CA ILE B 322 -11.45 -25.03 20.79
C ILE B 322 -10.17 -25.81 21.17
N ASP B 323 -9.35 -25.20 22.02
CA ASP B 323 -8.15 -25.87 22.45
C ASP B 323 -8.13 -25.96 23.96
N ASP B 324 -8.43 -27.15 24.47
CA ASP B 324 -8.46 -27.37 25.92
C ASP B 324 -9.43 -26.36 26.61
N GLY B 325 -10.63 -26.26 26.05
CA GLY B 325 -11.58 -25.34 26.65
C GLY B 325 -11.33 -23.89 26.26
N GLN B 326 -10.21 -23.58 25.65
CA GLN B 326 -9.98 -22.20 25.25
C GLN B 326 -10.38 -21.97 23.79
N ASP B 328 -9.84 -20.77 20.28
CA ASP B 328 -8.62 -20.60 19.53
C ASP B 328 -8.84 -20.30 18.02
N TRP B 329 -9.16 -19.07 17.70
CA TRP B 329 -9.38 -18.61 16.34
C TRP B 329 -8.16 -18.67 15.41
N LYS B 330 -8.45 -18.95 14.16
CA LYS B 330 -7.39 -19.02 13.17
C LYS B 330 -8.02 -18.17 12.08
N VAL B 331 -7.44 -16.99 11.88
CA VAL B 331 -7.88 -16.09 10.85
C VAL B 331 -7.37 -16.65 9.50
N ILE B 332 -8.24 -16.74 8.50
CA ILE B 332 -7.79 -17.18 7.19
C ILE B 332 -7.51 -15.93 6.31
N CYS B 333 -6.27 -15.81 5.86
CA CYS B 333 -5.85 -14.66 5.06
C CYS B 333 -4.96 -15.00 3.88
N ILE B 334 -4.84 -14.05 2.96
CA ILE B 334 -4.03 -14.22 1.78
C ILE B 334 -3.15 -13.02 1.47
N SER B 335 -1.88 -13.31 1.23
CA SER B 335 -0.88 -12.30 0.90
C SER B 335 -1.32 -11.34 -0.25
N HIS B 336 -1.23 -10.04 -0.01
CA HIS B 336 -1.64 -9.08 -1.02
C HIS B 336 -0.69 -9.22 -2.20
N ASN B 337 0.40 -9.92 -2.00
CA ASN B 337 1.28 -10.09 -3.10
C ASN B 337 0.95 -11.30 -4.01
N ASP B 338 -0.06 -12.09 -3.60
CA ASP B 338 -0.43 -13.29 -4.33
C ASP B 338 -1.15 -13.04 -5.66
N PRO B 339 -0.85 -13.82 -6.66
CA PRO B 339 -1.46 -13.71 -7.95
C PRO B 339 -2.99 -13.70 -7.91
N ILE B 340 -3.60 -14.62 -7.17
CA ILE B 340 -5.06 -14.66 -7.09
C ILE B 340 -5.73 -13.81 -5.98
N CYS B 341 -4.94 -13.13 -5.17
CA CYS B 341 -5.49 -12.34 -4.13
C CYS B 341 -6.59 -11.40 -4.61
N ARG B 342 -6.38 -10.69 -5.71
CA ARG B 342 -7.44 -9.79 -6.12
C ARG B 342 -8.73 -10.53 -6.45
N PHE B 343 -8.68 -11.82 -6.75
CA PHE B 343 -9.92 -12.54 -7.08
C PHE B 343 -10.57 -13.17 -5.88
N LEU B 344 -9.90 -13.27 -4.75
CA LEU B 344 -10.60 -13.88 -3.63
C LEU B 344 -11.25 -12.74 -2.86
N LYS B 345 -12.57 -12.54 -3.02
CA LYS B 345 -13.22 -11.45 -2.31
C LYS B 345 -13.65 -11.82 -0.91
N ASP B 346 -14.20 -13.01 -0.71
CA ASP B 346 -14.63 -13.41 0.62
C ASP B 346 -14.28 -14.87 0.69
N ILE B 347 -14.55 -15.45 1.87
CA ILE B 347 -14.26 -16.82 2.16
C ILE B 347 -14.91 -17.76 1.17
N HIS B 348 -16.07 -17.44 0.66
CA HIS B 348 -16.74 -18.29 -0.35
C HIS B 348 -15.98 -18.43 -1.64
N ASP B 349 -15.06 -17.54 -1.89
CA ASP B 349 -14.27 -17.60 -3.10
C ASP B 349 -13.11 -18.61 -3.06
N VAL B 350 -12.60 -18.89 -1.89
CA VAL B 350 -11.51 -19.85 -1.78
C VAL B 350 -11.83 -21.19 -2.49
N PRO B 351 -12.97 -21.84 -2.18
CA PRO B 351 -13.26 -23.11 -2.85
C PRO B 351 -13.27 -23.00 -4.38
N LYS B 352 -13.59 -21.83 -4.90
CA LYS B 352 -13.60 -21.64 -6.34
C LYS B 352 -12.24 -21.51 -6.94
N PHE B 353 -11.26 -21.02 -6.19
CA PHE B 353 -9.97 -20.90 -6.84
C PHE B 353 -8.93 -21.81 -6.22
N LEU B 354 -9.13 -22.15 -4.94
CA LEU B 354 -8.24 -23.07 -4.25
C LEU B 354 -9.05 -24.24 -3.72
N PRO B 355 -9.61 -25.07 -4.63
CA PRO B 355 -10.41 -26.20 -4.17
C PRO B 355 -9.62 -27.11 -3.23
N GLY B 356 -10.34 -27.60 -2.22
CA GLY B 356 -9.78 -28.50 -1.22
C GLY B 356 -9.03 -27.87 -0.06
N CYS B 357 -8.68 -26.60 -0.20
CA CYS B 357 -7.92 -25.86 0.80
C CYS B 357 -8.64 -25.73 2.12
N LEU B 358 -9.82 -25.16 2.12
CA LEU B 358 -10.54 -25.06 3.37
C LEU B 358 -10.76 -26.43 4.03
N ASP B 359 -11.00 -27.50 3.28
CA ASP B 359 -11.23 -28.84 3.90
C ASP B 359 -9.99 -29.36 4.54
N ALA B 360 -8.88 -29.16 3.84
CA ALA B 360 -7.59 -29.61 4.31
C ALA B 360 -7.23 -28.86 5.60
N ILE B 361 -7.45 -27.56 5.60
CA ILE B 361 -7.18 -26.75 6.78
C ILE B 361 -8.04 -27.25 7.92
N HIS B 362 -9.30 -27.49 7.66
CA HIS B 362 -10.19 -27.91 8.74
C HIS B 362 -9.75 -29.25 9.34
N GLU B 363 -9.47 -30.20 8.45
CA GLU B 363 -9.06 -31.51 8.80
C GLU B 363 -7.68 -31.45 9.47
N TRP B 364 -6.75 -30.68 8.95
CA TRP B 364 -5.47 -30.66 9.61
C TRP B 364 -5.65 -30.22 11.07
N PHE B 365 -6.44 -29.19 11.32
CA PHE B 365 -6.60 -28.74 12.70
C PHE B 365 -7.47 -29.63 13.58
N ARG B 366 -8.40 -30.33 12.93
CA ARG B 366 -9.25 -31.22 13.66
C ARG B 366 -8.45 -32.39 14.21
N VAL B 367 -7.41 -32.80 13.48
CA VAL B 367 -6.70 -33.97 13.90
C VAL B 367 -5.23 -33.92 14.17
N TYR B 368 -4.63 -32.74 14.18
CA TYR B 368 -3.19 -32.69 14.38
C TYR B 368 -2.69 -33.23 15.74
N LYS B 369 -3.63 -33.60 16.64
CA LYS B 369 -3.22 -34.19 17.93
C LYS B 369 -3.42 -35.72 18.10
N ILE B 370 -4.14 -36.36 17.20
CA ILE B 370 -4.40 -37.81 17.33
C ILE B 370 -3.12 -38.65 17.32
N CYS B 371 -2.16 -38.28 16.49
CA CYS B 371 -0.88 -39.00 16.41
C CYS B 371 -0.10 -39.07 17.75
N GLN B 372 -0.22 -38.03 18.58
CA GLN B 372 0.48 -38.00 19.85
C GLN B 372 -0.37 -38.57 21.02
N GLY B 373 -1.53 -39.13 20.72
CA GLY B 373 -2.36 -39.65 21.80
C GLY B 373 -3.63 -38.85 22.05
N GLY B 374 -3.63 -37.60 21.61
CA GLY B 374 -4.79 -36.76 21.85
C GLY B 374 -5.98 -37.26 21.09
N VAL B 375 -7.00 -36.42 21.02
CA VAL B 375 -8.23 -36.68 20.32
C VAL B 375 -8.54 -35.51 19.42
N GLU B 376 -9.53 -35.61 18.57
CA GLU B 376 -9.83 -34.53 17.69
C GLU B 376 -10.20 -33.28 18.45
N ASN B 377 -10.08 -32.14 17.80
CA ASN B 377 -10.48 -30.89 18.41
C ASN B 377 -11.92 -30.58 17.94
N LYS B 378 -12.63 -29.77 18.71
CA LYS B 378 -13.98 -29.42 18.37
C LYS B 378 -14.04 -27.97 17.91
N PHE B 379 -15.07 -27.60 17.18
CA PHE B 379 -15.14 -26.26 16.68
C PHE B 379 -16.42 -25.61 17.08
N VAL B 380 -16.43 -24.28 17.02
CA VAL B 380 -17.63 -23.51 17.29
C VAL B 380 -18.20 -23.27 15.90
N PHE B 381 -19.45 -22.87 15.83
CA PHE B 381 -20.13 -22.62 14.55
C PHE B 381 -20.18 -23.82 13.61
N ASN B 382 -20.19 -25.03 14.20
CA ASN B 382 -20.24 -26.27 13.42
C ASN B 382 -19.10 -26.36 12.46
N GLY B 383 -17.93 -25.84 12.87
CA GLY B 383 -16.72 -25.87 12.07
C GLY B 383 -16.83 -25.13 10.72
N GLU B 384 -17.77 -24.21 10.60
CA GLU B 384 -17.94 -23.45 9.38
C GLU B 384 -16.84 -22.40 9.36
N PHE B 385 -16.38 -21.98 8.19
CA PHE B 385 -15.39 -20.91 8.09
C PHE B 385 -16.23 -19.64 8.09
N LYS B 386 -16.18 -18.80 9.12
CA LYS B 386 -17.05 -17.60 9.09
C LYS B 386 -16.48 -16.61 8.09
N ASP B 387 -17.33 -15.78 7.50
CA ASP B 387 -16.91 -14.83 6.49
C ASP B 387 -15.99 -13.71 6.99
N LYS B 388 -15.58 -12.81 6.08
CA LYS B 388 -14.63 -11.79 6.49
C LYS B 388 -15.07 -10.77 7.49
N SER B 389 -16.32 -10.31 7.33
CA SER B 389 -16.86 -9.29 8.22
C SER B 389 -16.86 -9.85 9.62
N PHE B 390 -17.33 -11.08 9.75
CA PHE B 390 -17.27 -11.70 11.05
C PHE B 390 -15.82 -11.77 11.59
N ALA B 391 -14.84 -12.05 10.74
CA ALA B 391 -13.46 -12.20 11.19
C ALA B 391 -12.76 -10.97 11.66
N LYS B 393 -14.26 -8.41 12.74
CA LYS B 393 -14.92 -7.96 13.98
C LYS B 393 -14.14 -8.65 15.06
N VAL B 394 -13.90 -9.94 14.85
CA VAL B 394 -13.15 -10.66 15.87
C VAL B 394 -11.78 -10.02 16.04
N ILE B 395 -11.21 -9.49 14.95
CA ILE B 395 -9.89 -8.92 15.05
C ILE B 395 -9.83 -7.59 15.79
N ASP B 396 -10.86 -6.75 15.66
CA ASP B 396 -10.90 -5.47 16.38
C ASP B 396 -10.95 -5.73 17.87
N GLU B 397 -11.79 -6.69 18.23
CA GLU B 397 -11.99 -7.08 19.61
C GLU B 397 -10.65 -7.55 20.12
N SER B 398 -9.94 -8.30 19.33
CA SER B 398 -8.65 -8.76 19.79
C SER B 398 -7.65 -7.59 19.85
N HIS B 399 -7.88 -6.62 18.97
CA HIS B 399 -7.02 -5.45 18.94
C HIS B 399 -7.37 -4.56 20.13
N TYR B 400 -8.63 -4.54 20.48
CA TYR B 400 -9.10 -3.73 21.59
C TYR B 400 -8.54 -4.23 22.95
N TRP B 402 -5.94 -6.02 23.31
CA TRP B 402 -4.49 -5.78 23.29
C TRP B 402 -4.25 -4.35 23.75
N GLY B 403 -5.08 -3.44 23.27
CA GLY B 403 -4.95 -2.06 23.64
C GLY B 403 -5.16 -1.86 25.13
N ASN B 404 -6.13 -2.53 25.73
CA ASN B 404 -6.31 -2.35 27.16
C ASN B 404 -5.09 -2.90 27.91
N LEU B 405 -4.51 -3.97 27.38
CA LEU B 405 -3.36 -4.56 28.04
C LEU B 405 -2.24 -3.57 27.98
N ARG B 406 -2.20 -2.82 26.90
CA ARG B 406 -1.15 -1.85 26.78
C ARG B 406 -1.23 -0.83 27.90
N LYS B 407 -2.41 -0.20 28.02
CA LYS B 407 -2.70 0.84 29.01
C LYS B 407 -2.59 0.45 30.51
N ILE B 408 -3.15 -0.71 30.89
CA ILE B 408 -3.11 -1.13 32.28
C ILE B 408 -1.66 -1.28 32.70
N ASN B 409 -0.82 -1.88 31.83
CA ASN B 409 0.60 -2.09 32.14
C ASN B 409 1.42 -0.84 31.89
N LYS B 410 1.13 -0.14 30.81
CA LYS B 410 1.86 1.10 30.53
C LYS B 410 1.74 1.96 31.77
#